data_4M78
#
_entry.id   4M78
#
_cell.length_a   79.721
_cell.length_b   76.638
_cell.length_c   113.554
_cell.angle_alpha   90.00
_cell.angle_beta   97.00
_cell.angle_gamma   90.00
#
_symmetry.space_group_name_H-M   'P 1 21 1'
#
loop_
_entity.id
_entity.type
_entity.pdbx_description
1 polymer 'U6 snRNA-associated Sm-like protein LSm8'
2 polymer 'U6 snRNA-associated Sm-like protein LSm2'
3 polymer 'U6 snRNA-associated Sm-like protein LSm3'
4 polymer 'U6 snRNA-associated Sm-like protein LSm6'
5 polymer 'U6 snRNA-associated Sm-like protein LSm5'
6 polymer 'U6 snRNA-associated Sm-like protein LSm7'
7 polymer 'U6 snRNA-associated Sm-like protein LSm4'
8 water water
#
loop_
_entity_poly.entity_id
_entity_poly.type
_entity_poly.pdbx_seq_one_letter_code
_entity_poly.pdbx_strand_id
1 'polypeptide(L)'
;MSATLKDYLNKRVVIILVDGESLIASLNGFDKNTNLFLTNVFNRISKEFISKAQLLRGSEIALVGLIDAENDDSLAPIDE
KKVPMLKDTKNKIENE
;
A,H
2 'polypeptide(L)'
;MLFFSFFKTLVDQEVVVELKNDIEIKGTLQSVDQFLNLKLDNISSTDEKKYPHLGSVRNIFIRGSTVRYVYLNKNMVDTN
LLQDATRREVMTERK
;
B,I
3 'polypeptide(L)'
;METPLDLLKLNLDERVYIKLRGARTLVGTLQAFDSHSNIVLSDAVETIYQLNNEELSESERRSEMVFIRGDTVTLISTPS
EDDDGAVEI
;
C,J
4 'polypeptide(L)'
;MSGKASTEGSVTTEFLSDIIGKTVNVKLASGLLYSGRLESIDGFMNVALSSATEHYESNNNKLLNKFNSDVFLRGTQVMY
ISEQKI
;
D,K
5 'polypeptide(L)'
;MSLPEILPLEVIDKTINQKVLIVLQSNREFEGTLVGFDDFVNVILEDAVEWLIDPEDESRNEKVMQHHGRMLLSGNNIAI
LVPGGKKTPTEAL
;
E,L
6 'polypeptide(L)'
;MHQQHSKSENKPQQQRKKFEGPKREAILDLAKYKDSKIRVKLMGGKLVIGVLKGYDQLMNLVLDDTVEYMSNPDDENNTE
LISKNARKLGLTVIRGTILVSLSSAEGSDVLYMQK
;
F,M
7 'polypeptide(L)'
;MLPLYLLTNAKGQQMQIELKNGEIIQGILTNVDNWMNLTLSNVTEYSEESAINSEDNAESSKAVKLNEIYIRGTFIKFIK
LQDNIIDKVKQQI
;
G,N
#
# COMPACT_ATOMS: atom_id res chain seq x y z
N MET A 1 21.21 -15.24 35.63
CA MET A 1 20.19 -16.16 35.14
C MET A 1 20.00 -16.12 33.61
N SER A 2 19.58 -17.24 33.04
CA SER A 2 19.29 -17.35 31.60
C SER A 2 17.98 -18.07 31.32
N ALA A 3 17.48 -17.87 30.09
CA ALA A 3 16.21 -18.44 29.64
C ALA A 3 16.43 -19.64 28.69
N THR A 4 16.06 -20.84 29.12
CA THR A 4 16.21 -22.02 28.27
C THR A 4 14.85 -22.61 27.84
N LEU A 5 14.76 -22.95 26.55
CA LEU A 5 13.57 -23.56 26.00
C LEU A 5 13.39 -25.02 26.48
N LYS A 6 14.23 -25.41 27.45
CA LYS A 6 14.31 -26.77 27.97
C LYS A 6 12.98 -27.29 28.53
N ASP A 7 12.23 -26.42 29.19
CA ASP A 7 10.98 -26.81 29.79
C ASP A 7 9.92 -27.19 28.75
N TYR A 8 10.24 -27.01 27.47
CA TYR A 8 9.29 -27.30 26.40
C TYR A 8 9.65 -28.63 25.72
N LEU A 9 10.82 -29.16 26.05
CA LEU A 9 11.42 -30.32 25.40
C LEU A 9 10.53 -31.57 25.35
N ASN A 10 10.49 -32.21 24.18
CA ASN A 10 9.70 -33.43 23.95
C ASN A 10 8.20 -33.25 24.21
N LYS A 11 7.72 -32.00 24.09
CA LYS A 11 6.30 -31.68 24.32
C LYS A 11 5.69 -30.95 23.12
N ARG A 12 4.38 -30.91 23.04
CA ARG A 12 3.70 -30.21 21.96
C ARG A 12 3.79 -28.70 22.16
N VAL A 13 4.06 -27.98 21.08
CA VAL A 13 4.21 -26.52 21.15
C VAL A 13 3.54 -25.80 19.97
N VAL A 14 3.26 -24.52 20.17
CA VAL A 14 2.83 -23.64 19.10
C VAL A 14 3.99 -22.72 18.70
N ILE A 15 4.21 -22.59 17.41
CA ILE A 15 5.19 -21.65 16.92
C ILE A 15 4.42 -20.56 16.21
N ILE A 16 4.77 -19.32 16.48
CA ILE A 16 4.35 -18.23 15.61
C ILE A 16 5.56 -17.71 14.85
N LEU A 17 5.44 -17.69 13.53
CA LEU A 17 6.50 -17.18 12.68
C LEU A 17 6.44 -15.65 12.55
N VAL A 18 7.46 -15.07 11.94
CA VAL A 18 7.56 -13.62 11.79
C VAL A 18 6.65 -13.12 10.68
N ASP A 19 6.26 -14.02 9.77
CA ASP A 19 5.29 -13.68 8.73
C ASP A 19 3.87 -13.83 9.30
N GLY A 20 3.82 -14.12 10.59
CA GLY A 20 2.58 -14.19 11.33
C GLY A 20 1.91 -15.55 11.29
N GLU A 21 2.47 -16.47 10.51
CA GLU A 21 1.88 -17.78 10.36
C GLU A 21 1.96 -18.62 11.63
N SER A 22 1.13 -19.65 11.71
CA SER A 22 1.05 -20.48 12.89
C SER A 22 1.36 -21.95 12.58
N LEU A 23 2.03 -22.59 13.52
CA LEU A 23 2.39 -23.99 13.41
C LEU A 23 2.15 -24.71 14.72
N ILE A 24 1.93 -26.01 14.63
CA ILE A 24 1.87 -26.86 15.81
C ILE A 24 2.81 -28.03 15.61
N ALA A 25 3.58 -28.35 16.64
CA ALA A 25 4.55 -29.42 16.53
C ALA A 25 5.04 -29.88 17.88
N SER A 26 6.03 -30.75 17.86
CA SER A 26 6.65 -31.24 19.08
C SER A 26 8.12 -30.85 19.07
N LEU A 27 8.55 -30.25 20.15
CA LEU A 27 9.91 -29.74 20.23
C LEU A 27 10.87 -30.85 20.68
N ASN A 28 11.75 -31.27 19.78
CA ASN A 28 12.69 -32.34 20.13
C ASN A 28 14.15 -31.93 20.12
N GLY A 29 14.41 -30.65 19.90
CA GLY A 29 15.75 -30.12 19.96
C GLY A 29 15.78 -28.64 19.66
N PHE A 30 16.76 -27.95 20.21
CA PHE A 30 16.95 -26.54 19.95
C PHE A 30 18.39 -26.16 20.20
N ASP A 31 18.83 -25.04 19.62
CA ASP A 31 20.11 -24.44 19.92
C ASP A 31 19.99 -23.03 20.50
N LYS A 32 21.14 -22.36 20.60
CA LYS A 32 21.23 -21.01 21.17
C LYS A 32 20.57 -19.95 20.28
N ASN A 33 20.65 -20.13 18.97
CA ASN A 33 20.03 -19.24 18.01
C ASN A 33 18.54 -19.53 17.78
N THR A 34 18.02 -20.39 18.66
CA THR A 34 16.70 -21.00 18.62
C THR A 34 16.27 -21.51 17.25
N ASN A 35 17.21 -22.15 16.54
CA ASN A 35 16.83 -23.09 15.52
C ASN A 35 16.14 -24.26 16.23
N LEU A 36 15.08 -24.78 15.64
CA LEU A 36 14.35 -25.85 16.32
C LEU A 36 14.30 -27.13 15.51
N PHE A 37 14.29 -28.24 16.24
CA PHE A 37 13.95 -29.53 15.65
C PHE A 37 12.54 -29.93 16.07
N LEU A 38 11.64 -29.97 15.10
CA LEU A 38 10.23 -30.20 15.36
C LEU A 38 9.70 -31.49 14.74
N THR A 39 8.70 -32.07 15.38
CA THR A 39 8.12 -33.31 14.89
C THR A 39 6.62 -33.14 14.73
N ASN A 40 6.06 -33.80 13.71
CA ASN A 40 4.64 -33.71 13.44
C ASN A 40 4.18 -32.26 13.31
N VAL A 41 4.70 -31.57 12.30
CA VAL A 41 4.38 -30.17 12.08
C VAL A 41 3.07 -29.99 11.32
N PHE A 42 2.20 -29.15 11.85
CA PHE A 42 0.89 -28.90 11.24
C PHE A 42 0.63 -27.40 11.14
N ASN A 43 0.14 -26.96 9.99
CA ASN A 43 -0.29 -25.58 9.84
C ASN A 43 -1.66 -25.43 10.49
N ARG A 44 -1.95 -24.25 11.02
CA ARG A 44 -3.21 -24.09 11.75
C ARG A 44 -4.32 -23.42 10.92
N ILE A 45 -3.93 -22.47 10.08
CA ILE A 45 -4.87 -21.78 9.20
C ILE A 45 -5.57 -22.73 8.21
N SER A 46 -5.02 -23.93 8.05
CA SER A 46 -5.59 -24.95 7.17
C SER A 46 -5.64 -26.33 7.81
N LYS A 47 -5.21 -26.42 9.07
CA LYS A 47 -4.97 -27.70 9.76
C LYS A 47 -4.27 -28.75 8.88
N GLU A 48 -3.57 -28.29 7.84
CA GLU A 48 -2.91 -29.19 6.90
C GLU A 48 -1.61 -29.74 7.47
N PHE A 49 -1.32 -31.00 7.16
CA PHE A 49 -0.09 -31.64 7.60
C PHE A 49 1.09 -31.09 6.82
N ILE A 50 2.19 -30.83 7.53
CA ILE A 50 3.36 -30.23 6.90
C ILE A 50 4.57 -31.16 6.86
N SER A 51 4.91 -31.75 8.01
CA SER A 51 6.10 -32.59 8.07
C SER A 51 6.15 -33.51 9.27
N LYS A 52 6.68 -34.71 9.05
CA LYS A 52 6.91 -35.69 10.10
C LYS A 52 8.07 -35.23 10.93
N ALA A 53 9.05 -34.65 10.28
CA ALA A 53 10.21 -34.13 10.99
C ALA A 53 10.84 -33.00 10.21
N GLN A 54 10.90 -31.83 10.82
CA GLN A 54 11.49 -30.70 10.14
C GLN A 54 12.37 -29.85 11.03
N LEU A 55 13.32 -29.20 10.36
CA LEU A 55 14.23 -28.27 10.98
C LEU A 55 13.82 -26.85 10.67
N LEU A 56 13.52 -26.10 11.71
CA LEU A 56 13.06 -24.72 11.57
C LEU A 56 14.08 -23.70 12.04
N ARG A 57 14.47 -22.81 11.15
CA ARG A 57 15.45 -21.78 11.51
C ARG A 57 14.97 -20.65 12.42
N GLY A 58 15.72 -20.44 13.49
CA GLY A 58 15.53 -19.33 14.43
C GLY A 58 15.06 -17.99 13.88
N SER A 59 15.63 -17.52 12.77
CA SER A 59 15.30 -16.21 12.22
C SER A 59 13.85 -16.08 11.73
N GLU A 60 13.11 -17.17 11.76
CA GLU A 60 11.75 -17.19 11.25
C GLU A 60 10.81 -17.15 12.43
N ILE A 61 11.37 -17.46 13.59
CA ILE A 61 10.57 -17.64 14.76
C ILE A 61 10.38 -16.34 15.53
N ALA A 62 9.13 -16.02 15.79
CA ALA A 62 8.80 -14.96 16.72
C ALA A 62 8.68 -15.57 18.11
N LEU A 63 8.02 -16.72 18.17
CA LEU A 63 7.40 -17.09 19.40
C LEU A 63 7.16 -18.59 19.50
N VAL A 64 7.30 -19.12 20.71
CA VAL A 64 7.01 -20.51 21.01
C VAL A 64 6.17 -20.59 22.30
N GLY A 65 4.98 -21.20 22.23
CA GLY A 65 4.14 -21.43 23.40
C GLY A 65 3.94 -22.91 23.69
N LEU A 66 3.75 -23.27 24.95
CA LEU A 66 3.64 -24.67 25.36
C LEU A 66 2.18 -25.08 25.43
N ILE A 67 1.85 -26.24 24.87
CA ILE A 67 0.46 -26.70 24.82
C ILE A 67 0.28 -28.22 24.77
N MET B 1 25.38 -5.31 27.83
CA MET B 1 24.72 -6.13 28.83
C MET B 1 23.83 -5.36 29.78
N LEU B 2 23.92 -4.02 29.70
CA LEU B 2 23.09 -3.08 30.47
C LEU B 2 21.62 -3.51 30.52
N PHE B 3 21.01 -3.70 29.35
CA PHE B 3 19.59 -4.04 29.29
C PHE B 3 19.24 -5.46 29.75
N PHE B 4 20.23 -6.36 29.72
CA PHE B 4 20.07 -7.69 30.31
C PHE B 4 19.86 -7.53 31.83
N SER B 5 20.75 -6.76 32.46
CA SER B 5 20.59 -6.37 33.85
C SER B 5 19.23 -5.74 34.12
N PHE B 6 18.87 -4.75 33.32
CA PHE B 6 17.59 -4.06 33.46
C PHE B 6 16.41 -5.02 33.45
N PHE B 7 16.39 -5.85 32.43
CA PHE B 7 15.35 -6.85 32.27
C PHE B 7 15.33 -7.89 33.38
N LYS B 8 16.50 -8.21 33.92
CA LYS B 8 16.60 -9.07 35.09
C LYS B 8 15.92 -8.41 36.29
N THR B 9 15.78 -7.09 36.25
CA THR B 9 15.21 -6.33 37.35
C THR B 9 13.69 -6.43 37.41
N LEU B 10 13.08 -6.88 36.32
CA LEU B 10 11.62 -6.96 36.19
C LEU B 10 11.09 -8.39 36.23
N VAL B 11 11.93 -9.34 36.60
CA VAL B 11 11.42 -10.70 36.81
C VAL B 11 10.28 -10.69 37.82
N ASP B 12 9.31 -11.58 37.59
CA ASP B 12 8.10 -11.72 38.39
C ASP B 12 7.15 -10.57 38.14
N GLN B 13 7.51 -9.66 37.23
CA GLN B 13 6.67 -8.51 36.98
C GLN B 13 5.77 -8.70 35.76
N GLU B 14 4.57 -8.12 35.80
CA GLU B 14 3.73 -8.11 34.63
C GLU B 14 4.30 -7.15 33.58
N VAL B 15 4.34 -7.61 32.32
CA VAL B 15 4.76 -6.76 31.18
C VAL B 15 3.93 -6.97 29.90
N VAL B 16 3.86 -5.93 29.08
CA VAL B 16 3.17 -6.00 27.79
C VAL B 16 4.17 -5.97 26.64
N VAL B 17 4.22 -7.05 25.89
CA VAL B 17 5.18 -7.20 24.81
C VAL B 17 4.55 -7.00 23.44
N GLU B 18 5.01 -5.99 22.71
CA GLU B 18 4.49 -5.76 21.38
C GLU B 18 5.46 -6.29 20.33
N LEU B 19 5.02 -7.28 19.57
CA LEU B 19 5.83 -7.88 18.51
C LEU B 19 5.97 -6.97 17.30
N LYS B 20 7.02 -7.21 16.51
CA LYS B 20 7.21 -6.48 15.27
C LYS B 20 6.11 -6.87 14.29
N ASN B 21 5.39 -7.93 14.62
CA ASN B 21 4.31 -8.44 13.78
C ASN B 21 2.96 -7.87 14.19
N ASP B 22 2.97 -6.94 15.14
CA ASP B 22 1.75 -6.29 15.61
C ASP B 22 0.96 -7.16 16.59
N ILE B 23 1.62 -8.19 17.12
CA ILE B 23 1.00 -9.06 18.11
C ILE B 23 1.36 -8.59 19.51
N GLU B 24 0.35 -8.32 20.33
CA GLU B 24 0.60 -7.84 21.67
C GLU B 24 0.35 -8.98 22.65
N ILE B 25 1.20 -9.09 23.67
CA ILE B 25 1.11 -10.17 24.65
C ILE B 25 1.45 -9.70 26.06
N LYS B 26 0.46 -9.73 26.96
CA LYS B 26 0.64 -9.43 28.37
C LYS B 26 0.91 -10.73 29.11
N GLY B 27 1.79 -10.69 30.09
CA GLY B 27 2.16 -11.86 30.86
C GLY B 27 3.30 -11.55 31.81
N THR B 28 3.63 -12.50 32.69
CA THR B 28 4.59 -12.28 33.74
C THR B 28 6.03 -12.66 33.35
N LEU B 29 6.93 -11.69 33.39
CA LEU B 29 8.30 -11.92 32.98
C LEU B 29 8.95 -12.94 33.89
N GLN B 30 9.16 -14.13 33.37
CA GLN B 30 9.77 -15.19 34.13
C GLN B 30 11.29 -15.22 34.00
N SER B 31 11.78 -14.75 32.86
CA SER B 31 13.12 -15.06 32.44
C SER B 31 13.58 -14.15 31.29
N VAL B 32 14.87 -13.86 31.25
CA VAL B 32 15.53 -13.16 30.13
C VAL B 32 16.85 -13.83 29.85
N ASP B 33 17.35 -13.67 28.64
CA ASP B 33 18.72 -14.07 28.35
C ASP B 33 19.52 -12.95 27.69
N GLN B 34 20.68 -13.31 27.14
CA GLN B 34 21.63 -12.36 26.61
C GLN B 34 21.13 -11.65 25.35
N PHE B 35 20.45 -12.40 24.49
CA PHE B 35 19.89 -11.86 23.24
C PHE B 35 18.61 -11.10 23.51
N LEU B 36 18.33 -10.88 24.78
CA LEU B 36 17.06 -10.35 25.27
C LEU B 36 15.84 -11.15 24.84
N ASN B 37 15.96 -12.47 24.80
CA ASN B 37 14.81 -13.32 24.60
C ASN B 37 14.04 -13.27 25.92
N LEU B 38 12.72 -13.36 25.85
CA LEU B 38 11.90 -13.32 27.05
C LEU B 38 11.07 -14.58 27.21
N LYS B 39 11.07 -15.12 28.43
CA LYS B 39 10.13 -16.17 28.81
C LYS B 39 9.03 -15.57 29.66
N LEU B 40 7.79 -15.68 29.21
CA LEU B 40 6.66 -15.16 29.98
C LEU B 40 5.76 -16.26 30.53
N ASP B 41 5.28 -16.06 31.76
CA ASP B 41 4.26 -16.95 32.28
C ASP B 41 2.93 -16.24 32.44
N ASN B 42 1.86 -17.03 32.43
CA ASN B 42 0.51 -16.51 32.59
C ASN B 42 0.09 -15.46 31.59
N ILE B 43 0.27 -15.77 30.31
CA ILE B 43 0.07 -14.77 29.28
C ILE B 43 -1.42 -14.51 28.97
N SER B 44 -1.70 -13.31 28.47
CA SER B 44 -3.07 -12.89 28.21
C SER B 44 -3.12 -11.82 27.13
N SER B 45 -4.32 -11.63 26.59
CA SER B 45 -4.55 -10.62 25.57
C SER B 45 -4.68 -9.26 26.22
N THR B 46 -4.13 -8.24 25.56
CA THR B 46 -4.22 -6.88 26.06
C THR B 46 -5.29 -6.14 25.30
N TYR B 51 -3.68 -9.16 19.62
CA TYR B 51 -3.43 -10.50 20.17
C TYR B 51 -3.89 -11.59 19.19
N PRO B 52 -3.05 -12.63 18.99
CA PRO B 52 -3.35 -13.69 18.01
C PRO B 52 -4.33 -14.70 18.55
N HIS B 53 -4.89 -15.54 17.69
CA HIS B 53 -5.70 -16.66 18.15
C HIS B 53 -4.82 -17.83 18.54
N LEU B 54 -4.66 -18.06 19.85
CA LEU B 54 -4.03 -19.28 20.34
C LEU B 54 -4.97 -20.12 21.21
N GLY B 55 -4.62 -21.38 21.37
CA GLY B 55 -5.43 -22.31 22.12
C GLY B 55 -5.24 -22.10 23.60
N SER B 56 -4.72 -23.11 24.26
CA SER B 56 -4.49 -23.07 25.69
C SER B 56 -3.00 -23.07 26.03
N VAL B 57 -2.41 -21.88 26.16
CA VAL B 57 -0.97 -21.77 26.45
C VAL B 57 -0.68 -20.87 27.65
N ARG B 58 0.13 -21.36 28.58
CA ARG B 58 0.48 -20.61 29.79
C ARG B 58 1.85 -19.95 29.68
N ASN B 59 2.86 -20.71 29.27
CA ASN B 59 4.18 -20.17 29.18
C ASN B 59 4.58 -19.96 27.72
N ILE B 60 5.27 -18.87 27.44
CA ILE B 60 5.85 -18.69 26.10
C ILE B 60 7.31 -18.28 26.15
N PHE B 61 7.92 -18.25 24.98
CA PHE B 61 9.29 -17.83 24.82
C PHE B 61 9.30 -16.94 23.62
N ILE B 62 9.69 -15.69 23.83
CA ILE B 62 9.75 -14.75 22.73
C ILE B 62 11.18 -14.59 22.29
N ARG B 63 11.38 -14.39 21.00
CA ARG B 63 12.69 -14.09 20.49
C ARG B 63 12.90 -12.59 20.53
N GLY B 64 14.04 -12.18 21.06
CA GLY B 64 14.33 -10.78 21.32
C GLY B 64 14.31 -9.91 20.08
N SER B 65 14.81 -10.45 18.99
CA SER B 65 15.00 -9.68 17.77
C SER B 65 13.68 -9.44 17.05
N THR B 66 12.62 -10.08 17.53
CA THR B 66 11.26 -9.86 16.98
C THR B 66 10.36 -8.92 17.80
N VAL B 67 10.83 -8.41 18.94
CA VAL B 67 10.06 -7.40 19.70
C VAL B 67 10.30 -5.95 19.23
N ARG B 68 9.21 -5.17 19.25
CA ARG B 68 9.28 -3.73 19.02
C ARG B 68 9.36 -3.01 20.38
N TYR B 69 8.38 -3.25 21.25
CA TYR B 69 8.27 -2.55 22.50
C TYR B 69 8.09 -3.53 23.65
N VAL B 70 8.60 -3.22 24.84
CA VAL B 70 8.00 -3.78 26.05
C VAL B 70 7.45 -2.68 26.93
N TYR B 71 6.15 -2.74 27.15
CA TYR B 71 5.46 -1.78 28.00
C TYR B 71 5.61 -2.14 29.48
N LEU B 72 5.94 -1.11 30.25
CA LEU B 72 6.22 -1.23 31.66
C LEU B 72 5.47 -0.15 32.40
N ASN B 73 5.47 -0.29 33.71
CA ASN B 73 4.97 0.73 34.61
C ASN B 73 6.13 1.51 35.22
N LYS B 74 5.91 2.79 35.49
CA LYS B 74 6.92 3.66 36.08
C LYS B 74 7.33 3.21 37.49
N ASN B 75 6.43 2.48 38.15
CA ASN B 75 6.68 1.92 39.49
C ASN B 75 7.81 0.87 39.48
N MET B 76 7.99 0.27 38.32
CA MET B 76 8.91 -0.86 38.15
C MET B 76 10.36 -0.46 37.94
N VAL B 77 10.64 0.84 37.93
CA VAL B 77 11.97 1.28 37.55
C VAL B 77 12.46 2.55 38.26
N ASP B 78 13.61 2.42 38.89
CA ASP B 78 14.30 3.57 39.46
C ASP B 78 15.04 4.27 38.33
N THR B 79 14.40 5.27 37.74
CA THR B 79 14.97 5.94 36.57
C THR B 79 16.34 6.57 36.83
N ASN B 80 16.60 6.95 38.09
CA ASN B 80 17.90 7.50 38.49
C ASN B 80 19.00 6.51 38.21
N LEU B 81 18.82 5.29 38.68
CA LEU B 81 19.78 4.23 38.50
C LEU B 81 19.99 3.96 37.00
N LEU B 82 18.88 3.81 36.28
CA LEU B 82 18.90 3.68 34.83
C LEU B 82 19.77 4.71 34.11
N GLN B 83 19.68 5.96 34.55
CA GLN B 83 20.39 7.02 33.88
C GLN B 83 21.85 6.94 34.23
N ASP B 84 22.13 6.79 35.51
CA ASP B 84 23.52 6.73 35.99
C ASP B 84 24.22 5.49 35.44
N ALA B 85 23.52 4.36 35.42
CA ALA B 85 24.04 3.16 34.77
C ALA B 85 24.35 3.41 33.28
N THR B 86 23.47 4.17 32.62
CA THR B 86 23.60 4.47 31.18
C THR B 86 24.74 5.42 30.96
N ARG B 87 25.04 6.19 31.99
CA ARG B 87 26.16 7.11 31.93
C ARG B 87 27.48 6.35 32.02
N ARG B 88 27.46 5.25 32.77
CA ARG B 88 28.64 4.39 32.95
C ARG B 88 29.06 3.58 31.70
N GLU B 89 28.08 3.02 31.00
CA GLU B 89 28.34 2.18 29.83
C GLU B 89 29.33 2.83 28.86
N VAL B 90 30.10 1.99 28.19
CA VAL B 90 31.07 2.46 27.22
C VAL B 90 30.61 2.17 25.79
N MET B 91 30.77 3.14 24.91
CA MET B 91 30.35 2.99 23.52
C MET B 91 31.53 3.00 22.57
N THR C 3 31.74 8.40 19.97
CA THR C 3 31.50 9.81 20.26
C THR C 3 30.02 10.23 20.13
N PRO C 4 29.34 9.91 19.01
CA PRO C 4 27.90 10.24 18.90
C PRO C 4 27.03 9.57 19.97
N LEU C 5 27.48 8.43 20.48
CA LEU C 5 26.74 7.73 21.52
C LEU C 5 26.94 8.43 22.86
N ASP C 6 28.08 9.09 23.00
CA ASP C 6 28.40 9.87 24.19
C ASP C 6 27.70 11.22 24.14
N LEU C 7 27.51 11.75 22.94
CA LEU C 7 26.77 12.99 22.77
C LEU C 7 25.28 12.73 23.02
N LEU C 8 24.91 11.46 23.04
CA LEU C 8 23.53 11.10 23.32
C LEU C 8 23.35 11.02 24.82
N LYS C 9 24.46 10.73 25.49
CA LYS C 9 24.47 10.66 26.95
C LYS C 9 24.15 12.04 27.46
N LEU C 10 24.51 13.04 26.66
CA LEU C 10 24.23 14.43 26.95
C LEU C 10 22.80 14.60 27.44
N ASN C 11 21.83 14.30 26.58
CA ASN C 11 20.44 14.54 26.93
C ASN C 11 19.64 13.37 27.53
N LEU C 12 20.15 12.82 28.62
CA LEU C 12 19.36 11.92 29.45
C LEU C 12 18.39 12.73 30.30
N ASP C 13 17.29 12.11 30.68
CA ASP C 13 16.22 12.78 31.42
C ASP C 13 15.65 14.01 30.70
N GLU C 14 16.09 14.21 29.46
CA GLU C 14 15.55 15.29 28.63
C GLU C 14 14.71 14.71 27.50
N ARG C 15 13.59 15.37 27.19
CA ARG C 15 12.73 14.93 26.11
C ARG C 15 13.52 14.76 24.83
N VAL C 16 13.23 13.67 24.15
CA VAL C 16 13.86 13.40 22.87
C VAL C 16 12.82 12.97 21.85
N TYR C 17 13.23 12.99 20.59
CA TYR C 17 12.39 12.67 19.46
C TYR C 17 13.06 11.52 18.74
N ILE C 18 12.43 10.34 18.73
CA ILE C 18 12.94 9.17 17.99
C ILE C 18 12.19 8.85 16.70
N LYS C 19 12.93 8.59 15.63
CA LYS C 19 12.35 8.00 14.42
C LYS C 19 12.61 6.48 14.30
N LEU C 20 11.54 5.70 14.25
CA LEU C 20 11.63 4.28 13.96
C LEU C 20 11.33 4.04 12.47
N ARG C 21 11.47 2.79 12.03
CA ARG C 21 11.13 2.44 10.65
C ARG C 21 9.67 2.00 10.56
N GLY C 22 8.98 2.42 9.52
CA GLY C 22 7.58 2.04 9.33
C GLY C 22 6.62 3.15 9.71
N ALA C 23 7.01 4.37 9.36
CA ALA C 23 6.25 5.57 9.71
C ALA C 23 6.00 5.81 11.21
N ARG C 24 6.79 5.20 12.10
CA ARG C 24 6.66 5.42 13.54
C ARG C 24 7.56 6.54 14.08
N THR C 25 7.06 7.21 15.11
CA THR C 25 7.77 8.29 15.79
C THR C 25 7.52 8.17 17.28
N LEU C 26 8.56 8.29 18.09
CA LEU C 26 8.36 8.40 19.53
C LEU C 26 8.94 9.69 20.12
N VAL C 27 8.31 10.18 21.19
CA VAL C 27 8.77 11.35 21.93
C VAL C 27 8.58 11.03 23.41
N GLY C 28 9.64 11.24 24.18
CA GLY C 28 9.67 10.86 25.57
C GLY C 28 10.87 11.47 26.26
N THR C 29 10.91 11.37 27.58
CA THR C 29 12.14 11.55 28.34
C THR C 29 12.99 10.30 28.13
N LEU C 30 14.32 10.44 28.05
CA LEU C 30 15.16 9.27 27.80
C LEU C 30 15.78 8.71 29.09
N GLN C 31 15.26 7.58 29.54
CA GLN C 31 15.74 6.96 30.77
C GLN C 31 17.07 6.20 30.65
N ALA C 32 17.31 5.55 29.51
CA ALA C 32 18.46 4.67 29.36
C ALA C 32 18.55 4.24 27.90
N PHE C 33 19.78 4.12 27.40
CA PHE C 33 20.00 3.63 26.05
C PHE C 33 21.31 2.85 26.00
N ASP C 34 21.57 2.14 24.90
CA ASP C 34 22.88 1.57 24.70
C ASP C 34 23.37 1.68 23.27
N SER C 35 24.29 0.79 22.95
CA SER C 35 25.11 0.82 21.73
C SER C 35 24.43 0.25 20.48
N HIS C 36 23.25 -0.34 20.66
CA HIS C 36 22.46 -0.83 19.55
C HIS C 36 21.29 0.12 19.45
N SER C 37 21.40 1.19 20.24
CA SER C 37 20.35 2.17 20.52
C SER C 37 19.00 1.56 20.93
N ASN C 38 19.09 0.53 21.75
CA ASN C 38 17.97 0.07 22.57
C ASN C 38 17.67 1.19 23.54
N ILE C 39 16.40 1.50 23.69
CA ILE C 39 16.01 2.70 24.39
C ILE C 39 15.00 2.39 25.47
N VAL C 40 15.12 3.07 26.59
CA VAL C 40 13.98 3.19 27.49
C VAL C 40 13.48 4.64 27.51
N LEU C 41 12.15 4.82 27.39
CA LEU C 41 11.50 6.13 27.48
C LEU C 41 10.43 6.16 28.59
N SER C 42 10.37 7.29 29.29
CA SER C 42 9.25 7.57 30.20
C SER C 42 8.33 8.63 29.62
N ASP C 43 7.04 8.47 29.92
CA ASP C 43 6.01 9.36 29.41
C ASP C 43 6.18 9.50 27.92
N ALA C 44 6.30 8.37 27.24
CA ALA C 44 6.37 8.42 25.79
C ALA C 44 5.00 8.67 25.19
N VAL C 45 5.02 9.02 23.91
CA VAL C 45 3.86 8.98 23.04
C VAL C 45 4.32 8.56 21.62
N GLU C 46 3.79 7.44 21.12
CA GLU C 46 4.16 6.94 19.80
C GLU C 46 3.18 7.43 18.73
N THR C 47 3.72 7.87 17.60
CA THR C 47 2.89 8.31 16.49
C THR C 47 3.09 7.45 15.24
N ILE C 48 2.08 6.69 14.86
CA ILE C 48 2.11 5.96 13.60
C ILE C 48 1.30 6.74 12.58
N TYR C 49 1.81 6.80 11.35
CA TYR C 49 1.12 7.41 10.23
C TYR C 49 0.72 6.30 9.29
N GLN C 50 -0.57 6.14 9.09
CA GLN C 50 -1.07 5.13 8.17
C GLN C 50 -1.81 5.71 7.00
N LEU C 51 -2.00 4.90 5.97
CA LEU C 51 -2.86 5.28 4.87
C LEU C 51 -3.98 4.27 4.81
N ASN C 52 -5.21 4.76 4.95
CA ASN C 52 -6.40 3.94 4.79
C ASN C 52 -7.29 4.53 3.71
N ASN C 53 -7.69 3.72 2.75
CA ASN C 53 -8.51 4.21 1.65
C ASN C 53 -7.80 5.35 0.93
N GLU C 54 -6.48 5.21 0.77
CA GLU C 54 -5.65 6.19 0.08
C GLU C 54 -5.69 7.58 0.71
N GLU C 55 -5.77 7.65 2.03
CA GLU C 55 -5.70 8.91 2.77
C GLU C 55 -4.79 8.74 3.98
N LEU C 56 -4.11 9.81 4.39
CA LEU C 56 -3.20 9.69 5.51
C LEU C 56 -3.98 9.83 6.79
N SER C 57 -3.71 8.95 7.74
CA SER C 57 -4.26 9.09 9.08
C SER C 57 -3.19 8.77 10.11
N GLU C 58 -3.02 9.67 11.06
CA GLU C 58 -2.10 9.48 12.15
C GLU C 58 -2.82 8.74 13.28
N SER C 59 -2.06 8.21 14.25
CA SER C 59 -2.65 7.61 15.45
C SER C 59 -1.69 7.74 16.63
N GLU C 60 -2.22 8.03 17.80
CA GLU C 60 -1.39 8.17 18.98
C GLU C 60 -1.47 6.95 19.88
N ARG C 61 -0.44 6.78 20.72
CA ARG C 61 -0.38 5.71 21.70
C ARG C 61 0.50 6.17 22.86
N ARG C 62 0.00 6.02 24.07
CA ARG C 62 0.71 6.54 25.24
C ARG C 62 1.06 5.47 26.28
N SER C 63 2.27 5.59 26.79
CA SER C 63 2.76 4.68 27.83
C SER C 63 3.59 5.50 28.80
N GLU C 64 3.67 5.03 30.05
CA GLU C 64 4.49 5.72 31.05
C GLU C 64 5.96 5.27 31.04
N MET C 65 6.20 3.98 30.82
CA MET C 65 7.53 3.41 30.74
C MET C 65 7.58 2.46 29.52
N VAL C 66 8.54 2.66 28.61
CA VAL C 66 8.62 1.81 27.42
C VAL C 66 10.04 1.43 26.94
N PHE C 67 10.31 0.13 26.87
CA PHE C 67 11.56 -0.36 26.28
C PHE C 67 11.44 -0.46 24.77
N ILE C 68 12.46 0.06 24.08
CA ILE C 68 12.44 0.08 22.62
C ILE C 68 13.63 -0.66 22.05
N ARG C 69 13.35 -1.69 21.26
CA ARG C 69 14.40 -2.39 20.54
C ARG C 69 15.11 -1.44 19.58
N GLY C 70 16.42 -1.64 19.45
CA GLY C 70 17.26 -0.69 18.75
C GLY C 70 17.22 -0.82 17.26
N ASP C 71 16.89 -1.99 16.75
CA ASP C 71 17.06 -2.28 15.32
C ASP C 71 16.23 -1.39 14.41
N THR C 72 15.15 -0.85 14.94
CA THR C 72 14.19 -0.14 14.11
C THR C 72 14.52 1.37 14.05
N VAL C 73 15.18 1.86 15.12
CA VAL C 73 15.58 3.25 15.30
C VAL C 73 16.45 3.89 14.21
N THR C 74 16.02 5.04 13.73
CA THR C 74 16.56 5.63 12.50
C THR C 74 17.38 6.88 12.78
N LEU C 75 16.86 7.67 13.72
CA LEU C 75 17.37 8.97 14.07
C LEU C 75 16.78 9.34 15.43
N ILE C 76 17.67 9.67 16.38
CA ILE C 76 17.26 10.20 17.66
C ILE C 76 17.62 11.68 17.67
N SER C 77 16.68 12.56 18.01
CA SER C 77 17.00 13.99 18.23
C SER C 77 16.22 14.64 19.39
N THR C 78 16.01 15.95 19.31
CA THR C 78 15.19 16.68 20.32
C THR C 78 14.02 17.42 19.69
N PRO C 79 12.88 17.46 20.39
CA PRO C 79 11.74 18.05 19.69
C PRO C 79 11.74 19.57 19.82
N SER D 10 43.38 3.16 8.59
CA SER D 10 43.03 2.91 7.20
C SER D 10 42.41 4.16 6.53
N VAL D 11 42.43 4.18 5.20
CA VAL D 11 41.93 5.31 4.41
C VAL D 11 40.50 5.72 4.79
N THR D 12 39.69 4.72 5.08
CA THR D 12 38.31 4.93 5.51
C THR D 12 38.25 5.61 6.87
N THR D 13 39.10 5.18 7.79
CA THR D 13 39.17 5.82 9.10
C THR D 13 39.68 7.27 9.05
N GLU D 14 40.42 7.63 7.99
CA GLU D 14 41.03 8.98 7.87
C GLU D 14 40.08 9.95 7.20
N PHE D 15 39.24 9.43 6.30
CA PHE D 15 38.02 10.11 5.89
C PHE D 15 37.24 10.60 7.10
N LEU D 16 37.40 9.91 8.21
CA LEU D 16 36.47 10.18 9.31
C LEU D 16 37.06 11.23 10.28
N SER D 17 38.12 11.91 9.85
CA SER D 17 38.73 12.96 10.66
C SER D 17 39.02 14.16 9.77
N ASP D 18 38.83 13.96 8.48
CA ASP D 18 39.07 14.98 7.51
C ASP D 18 37.78 15.74 7.20
N ILE D 19 36.65 15.06 7.35
CA ILE D 19 35.37 15.66 6.98
C ILE D 19 34.56 16.16 8.18
N ILE D 20 35.07 15.91 9.38
CA ILE D 20 34.40 16.40 10.59
C ILE D 20 34.37 17.94 10.61
N GLY D 21 33.17 18.49 10.76
CA GLY D 21 32.98 19.91 10.55
C GLY D 21 32.60 20.23 9.11
N LYS D 22 32.67 19.25 8.21
CA LYS D 22 32.18 19.51 6.85
C LYS D 22 30.68 19.27 6.70
N THR D 23 30.18 19.78 5.58
CA THR D 23 28.81 19.61 5.19
C THR D 23 28.64 18.32 4.38
N VAL D 24 27.79 17.46 4.93
CA VAL D 24 27.63 16.13 4.37
C VAL D 24 26.19 15.78 3.99
N ASN D 25 26.08 14.86 3.03
CA ASN D 25 24.80 14.25 2.76
C ASN D 25 24.81 12.82 3.25
N VAL D 26 24.11 12.57 4.36
CA VAL D 26 23.95 11.19 4.84
C VAL D 26 22.63 10.63 4.32
N LYS D 27 22.72 9.60 3.50
CA LYS D 27 21.53 8.90 3.03
C LYS D 27 21.26 7.66 3.90
N LEU D 28 19.99 7.36 4.19
CA LEU D 28 19.67 6.14 4.94
C LEU D 28 19.12 5.05 4.01
N ALA D 29 19.01 3.82 4.51
CA ALA D 29 18.52 2.66 3.72
C ALA D 29 17.20 2.99 3.05
N SER D 30 16.37 3.76 3.78
CA SER D 30 15.06 4.18 3.31
C SER D 30 15.11 5.08 2.10
N GLY D 31 16.23 5.82 1.96
CA GLY D 31 16.41 6.76 0.87
C GLY D 31 16.30 8.19 1.37
N LEU D 32 16.04 8.30 2.68
CA LEU D 32 15.93 9.59 3.32
C LEU D 32 17.32 10.25 3.43
N LEU D 33 17.42 11.49 2.98
CA LEU D 33 18.71 12.14 2.90
C LEU D 33 18.84 13.23 3.94
N TYR D 34 19.99 13.26 4.59
CA TYR D 34 20.21 14.24 5.65
C TYR D 34 21.44 15.08 5.33
N SER D 35 21.27 16.39 5.43
CA SER D 35 22.35 17.29 5.09
C SER D 35 22.68 18.10 6.30
N GLY D 36 23.94 18.08 6.70
CA GLY D 36 24.33 18.89 7.82
C GLY D 36 25.82 19.06 7.97
N ARG D 37 26.16 19.81 9.02
CA ARG D 37 27.53 19.89 9.42
C ARG D 37 27.75 18.75 10.37
N LEU D 38 28.80 17.99 10.08
CA LEU D 38 29.08 16.77 10.82
C LEU D 38 29.82 17.05 12.12
N GLU D 39 29.10 16.93 13.23
CA GLU D 39 29.71 17.07 14.55
C GLU D 39 30.67 15.95 14.93
N SER D 40 30.22 14.71 14.75
CA SER D 40 31.00 13.54 15.14
C SER D 40 30.69 12.28 14.33
N ILE D 41 31.61 11.32 14.34
CA ILE D 41 31.38 10.06 13.64
C ILE D 41 32.30 8.97 14.19
N ASP D 42 31.76 7.76 14.35
CA ASP D 42 32.53 6.63 14.85
C ASP D 42 32.73 5.57 13.78
N GLY D 43 33.04 4.35 14.21
CA GLY D 43 33.33 3.27 13.30
C GLY D 43 32.12 2.53 12.77
N PHE D 44 31.09 2.40 13.60
CA PHE D 44 29.89 1.67 13.20
C PHE D 44 29.03 2.52 12.28
N MET D 45 29.59 3.66 11.85
CA MET D 45 28.99 4.60 10.91
C MET D 45 27.84 5.41 11.51
N ASN D 46 27.72 5.39 12.84
CA ASN D 46 26.83 6.34 13.54
C ASN D 46 27.28 7.75 13.23
N VAL D 47 26.37 8.72 13.22
CA VAL D 47 26.72 10.09 12.84
C VAL D 47 25.99 11.14 13.70
N ALA D 48 26.67 12.23 14.01
CA ALA D 48 26.02 13.40 14.61
C ALA D 48 26.13 14.60 13.68
N LEU D 49 25.01 15.28 13.48
CA LEU D 49 24.91 16.38 12.54
C LEU D 49 24.23 17.55 13.21
N SER D 50 24.58 18.77 12.80
CA SER D 50 23.87 19.94 13.27
C SER D 50 23.32 20.73 12.11
N SER D 51 22.25 21.49 12.35
CA SER D 51 21.53 22.16 11.28
C SER D 51 21.28 21.15 10.17
N ALA D 52 20.53 20.10 10.49
CA ALA D 52 20.26 19.02 9.56
C ALA D 52 18.92 19.23 8.86
N THR D 53 18.91 19.15 7.53
CA THR D 53 17.66 19.18 6.80
C THR D 53 17.37 17.80 6.22
N GLU D 54 16.13 17.33 6.32
CA GLU D 54 15.82 16.10 5.61
C GLU D 54 15.05 16.30 4.31
N HIS D 55 15.30 15.37 3.40
CA HIS D 55 14.71 15.35 2.09
C HIS D 55 14.59 13.90 1.69
N TYR D 56 13.78 13.62 0.70
CA TYR D 56 13.72 12.25 0.29
C TYR D 56 14.49 12.10 -0.99
N GLU D 57 15.56 11.30 -0.90
CA GLU D 57 16.33 10.80 -2.05
C GLU D 57 17.38 11.78 -2.60
N SER D 58 17.08 13.07 -2.50
CA SER D 58 17.81 14.12 -3.17
C SER D 58 17.71 15.44 -2.45
N ASN D 59 18.76 16.25 -2.61
CA ASN D 59 18.94 17.49 -1.88
C ASN D 59 17.95 18.55 -2.34
N ASN D 60 17.61 18.50 -3.62
CA ASN D 60 16.76 19.49 -4.25
C ASN D 60 15.27 19.18 -4.17
N ASN D 61 14.91 18.07 -3.54
CA ASN D 61 13.50 17.82 -3.38
C ASN D 61 12.93 18.62 -2.22
N LYS D 62 11.63 18.41 -1.98
CA LYS D 62 10.89 19.19 -0.99
C LYS D 62 11.43 18.88 0.38
N LEU D 63 11.82 19.93 1.09
CA LEU D 63 12.31 19.81 2.45
C LEU D 63 11.24 19.16 3.31
N LEU D 64 11.60 18.12 4.04
CA LEU D 64 10.61 17.41 4.84
C LEU D 64 10.67 17.85 6.29
N ASN D 65 11.86 18.17 6.78
CA ASN D 65 12.02 18.54 8.17
C ASN D 65 13.30 19.36 8.28
N LYS D 66 13.42 20.10 9.38
CA LYS D 66 14.64 20.85 9.70
C LYS D 66 14.79 20.68 11.19
N PHE D 67 16.02 20.42 11.63
CA PHE D 67 16.23 20.15 13.05
C PHE D 67 17.10 21.24 13.67
N ASN D 68 16.60 21.89 14.70
CA ASN D 68 17.32 23.00 15.32
C ASN D 68 18.40 22.48 16.25
N SER D 69 18.38 21.18 16.44
CA SER D 69 19.35 20.54 17.30
C SER D 69 20.13 19.50 16.55
N ASP D 70 21.21 19.06 17.17
CA ASP D 70 22.01 18.02 16.62
C ASP D 70 21.13 16.80 16.42
N VAL D 71 21.41 16.10 15.33
CA VAL D 71 20.68 14.91 14.95
C VAL D 71 21.65 13.72 15.05
N PHE D 72 21.26 12.66 15.75
CA PHE D 72 22.01 11.39 15.80
C PHE D 72 21.52 10.44 14.69
N LEU D 73 22.38 10.01 13.79
CA LEU D 73 21.96 9.05 12.74
C LEU D 73 22.47 7.62 13.00
N ARG D 74 21.58 6.62 12.95
CA ARG D 74 22.04 5.25 13.30
C ARG D 74 22.89 4.64 12.21
N GLY D 75 24.03 4.07 12.62
CA GLY D 75 25.02 3.51 11.72
C GLY D 75 24.47 2.44 10.83
N THR D 76 23.89 1.42 11.44
CA THR D 76 23.28 0.32 10.70
C THR D 76 22.17 0.75 9.74
N GLN D 77 21.70 1.98 9.88
CA GLN D 77 20.81 2.52 8.86
C GLN D 77 21.56 3.27 7.76
N VAL D 78 22.77 3.77 8.02
CA VAL D 78 23.41 4.66 7.03
C VAL D 78 23.91 3.96 5.78
N MET D 79 23.38 4.43 4.64
CA MET D 79 23.72 3.92 3.31
C MET D 79 25.01 4.50 2.68
N TYR D 80 25.20 5.81 2.76
CA TYR D 80 26.50 6.45 2.48
C TYR D 80 26.67 7.76 3.24
N ILE D 81 27.92 8.22 3.35
CA ILE D 81 28.16 9.58 3.84
C ILE D 81 28.92 10.44 2.82
N SER D 82 28.19 11.27 2.08
CA SER D 82 28.86 12.05 1.06
C SER D 82 29.10 13.48 1.50
N GLU D 83 30.06 14.13 0.85
CA GLU D 83 30.40 15.51 1.17
C GLU D 83 30.17 16.42 -0.03
N GLN D 84 30.08 17.72 0.23
CA GLN D 84 29.87 18.70 -0.83
C GLN D 84 30.87 19.85 -0.72
N ILE E 6 43.51 -15.86 -8.59
CA ILE E 6 43.43 -14.45 -8.26
C ILE E 6 42.43 -14.19 -7.16
N LEU E 7 42.78 -13.25 -6.29
CA LEU E 7 41.96 -12.95 -5.15
C LEU E 7 41.09 -11.73 -5.41
N PRO E 8 39.80 -11.83 -5.04
CA PRO E 8 38.82 -10.74 -5.12
C PRO E 8 39.35 -9.41 -4.59
N LEU E 9 40.04 -9.46 -3.46
CA LEU E 9 40.50 -8.24 -2.81
C LEU E 9 41.68 -7.60 -3.52
N GLU E 10 42.40 -8.43 -4.29
CA GLU E 10 43.49 -7.95 -5.12
C GLU E 10 42.93 -7.25 -6.35
N VAL E 11 41.86 -7.82 -6.93
CA VAL E 11 41.15 -7.12 -7.99
C VAL E 11 40.63 -5.72 -7.55
N ILE E 12 40.19 -5.58 -6.29
CA ILE E 12 39.65 -4.29 -5.84
C ILE E 12 40.78 -3.32 -5.56
N ASP E 13 41.85 -3.83 -4.97
CA ASP E 13 43.07 -3.02 -4.82
C ASP E 13 43.57 -2.56 -6.20
N LYS E 14 43.48 -3.44 -7.20
CA LYS E 14 43.91 -3.13 -8.55
C LYS E 14 43.17 -1.93 -9.15
N THR E 15 41.86 -1.91 -8.95
CA THR E 15 40.99 -0.92 -9.57
C THR E 15 40.98 0.43 -8.83
N ILE E 16 41.72 0.53 -7.72
CA ILE E 16 41.93 1.80 -7.02
C ILE E 16 42.44 2.88 -7.99
N ASN E 17 41.99 4.13 -7.79
CA ASN E 17 42.09 5.20 -8.80
C ASN E 17 41.64 4.82 -10.22
N GLN E 18 40.51 4.14 -10.37
CA GLN E 18 39.93 3.93 -11.70
C GLN E 18 38.44 4.15 -11.64
N LYS E 19 37.75 4.03 -12.77
CA LYS E 19 36.30 4.13 -12.77
C LYS E 19 35.77 2.85 -12.12
N VAL E 20 34.81 2.96 -11.19
CA VAL E 20 34.11 1.79 -10.69
C VAL E 20 32.60 1.95 -10.55
N LEU E 21 31.88 0.95 -11.07
CA LEU E 21 30.45 0.79 -10.81
C LEU E 21 30.24 -0.10 -9.58
N ILE E 22 29.43 0.40 -8.64
CA ILE E 22 29.11 -0.34 -7.43
C ILE E 22 27.63 -0.60 -7.40
N VAL E 23 27.25 -1.87 -7.35
CA VAL E 23 25.86 -2.25 -7.36
C VAL E 23 25.44 -2.75 -5.98
N LEU E 24 24.39 -2.15 -5.42
CA LEU E 24 23.80 -2.57 -4.13
C LEU E 24 22.91 -3.82 -4.31
N GLN E 25 22.27 -4.26 -3.24
CA GLN E 25 21.34 -5.38 -3.33
C GLN E 25 20.02 -4.89 -3.92
N SER E 26 19.86 -3.57 -3.97
CA SER E 26 18.66 -2.96 -4.52
C SER E 26 18.90 -2.42 -5.92
N ASN E 27 17.89 -1.79 -6.49
CA ASN E 27 17.98 -1.24 -7.84
C ASN E 27 18.70 0.09 -7.88
N ARG E 28 19.77 0.21 -7.09
CA ARG E 28 20.55 1.45 -7.05
C ARG E 28 22.04 1.18 -7.16
N GLU E 29 22.73 2.01 -7.94
CA GLU E 29 24.18 1.88 -8.12
C GLU E 29 24.94 3.21 -8.04
N PHE E 30 26.26 3.14 -8.09
CA PHE E 30 27.15 4.27 -8.01
C PHE E 30 28.37 4.12 -8.97
N GLU E 31 28.52 5.03 -9.92
CA GLU E 31 29.74 5.07 -10.73
C GLU E 31 30.61 6.16 -10.14
N GLY E 32 31.93 5.96 -10.15
CA GLY E 32 32.83 6.87 -9.47
C GLY E 32 34.24 6.33 -9.51
N THR E 33 35.20 7.09 -8.99
CA THR E 33 36.60 6.65 -9.01
C THR E 33 36.98 6.06 -7.67
N LEU E 34 37.40 4.80 -7.69
CA LEU E 34 37.75 4.10 -6.45
C LEU E 34 38.92 4.79 -5.77
N VAL E 35 38.76 5.08 -4.48
CA VAL E 35 39.81 5.78 -3.75
C VAL E 35 40.33 4.91 -2.61
N GLY E 36 39.48 3.99 -2.17
CA GLY E 36 39.85 3.11 -1.07
C GLY E 36 38.82 2.04 -0.79
N PHE E 37 39.19 1.15 0.13
CA PHE E 37 38.25 0.19 0.69
C PHE E 37 38.92 -0.42 1.92
N ASP E 38 38.18 -1.26 2.61
CA ASP E 38 38.76 -1.96 3.76
C ASP E 38 38.43 -3.44 3.67
N ASP E 39 38.50 -4.10 4.82
CA ASP E 39 38.25 -5.52 4.86
C ASP E 39 36.75 -5.79 4.74
N PHE E 40 35.91 -4.88 5.25
CA PHE E 40 34.46 -4.99 5.13
C PHE E 40 33.95 -4.51 3.80
N VAL E 41 34.87 -4.03 2.98
CA VAL E 41 34.56 -3.44 1.68
C VAL E 41 33.58 -2.22 1.80
N ASN E 42 33.79 -1.42 2.85
CA ASN E 42 33.39 -0.02 2.85
C ASN E 42 34.26 0.70 1.83
N VAL E 43 33.59 1.25 0.82
CA VAL E 43 34.28 1.83 -0.34
C VAL E 43 34.29 3.37 -0.25
N ILE E 44 35.38 3.99 -0.69
CA ILE E 44 35.39 5.44 -0.83
C ILE E 44 35.44 5.82 -2.29
N LEU E 45 34.46 6.60 -2.71
CA LEU E 45 34.30 6.96 -4.10
C LEU E 45 34.57 8.44 -4.26
N GLU E 46 34.85 8.86 -5.48
CA GLU E 46 35.11 10.27 -5.74
C GLU E 46 34.24 10.74 -6.91
N ASP E 47 33.57 11.87 -6.73
CA ASP E 47 32.57 12.36 -7.70
C ASP E 47 31.67 11.23 -8.20
N ALA E 48 30.85 10.68 -7.31
CA ALA E 48 30.05 9.50 -7.64
C ALA E 48 28.72 9.87 -8.31
N VAL E 49 28.34 9.14 -9.36
CA VAL E 49 27.04 9.37 -9.98
C VAL E 49 26.08 8.30 -9.50
N GLU E 50 25.06 8.71 -8.75
CA GLU E 50 24.11 7.79 -8.11
C GLU E 50 22.88 7.55 -9.01
N TRP E 51 22.51 6.28 -9.20
CA TRP E 51 21.40 5.90 -10.08
C TRP E 51 20.36 5.07 -9.36
N LEU E 52 19.15 5.10 -9.88
CA LEU E 52 18.13 4.09 -9.55
C LEU E 52 17.82 3.40 -10.88
N ILE E 53 17.91 2.09 -10.87
CA ILE E 53 17.84 1.33 -12.13
C ILE E 53 16.43 0.66 -12.29
N ASP E 54 16.06 0.37 -13.54
CA ASP E 54 15.05 -0.64 -13.93
C ASP E 54 13.66 -0.09 -14.24
N ASN E 61 15.97 4.31 -15.99
CA ASN E 61 16.99 4.68 -15.00
C ASN E 61 16.86 6.14 -14.56
N GLU E 62 17.27 6.43 -13.33
CA GLU E 62 17.18 7.77 -12.76
C GLU E 62 18.49 8.21 -12.13
N LYS E 63 19.07 9.27 -12.65
CA LYS E 63 20.23 9.86 -12.01
C LYS E 63 19.76 10.63 -10.78
N VAL E 64 19.88 9.99 -9.63
CA VAL E 64 19.52 10.59 -8.36
C VAL E 64 20.35 11.85 -8.09
N MET E 65 21.68 11.73 -8.22
CA MET E 65 22.58 12.80 -7.84
C MET E 65 23.91 12.78 -8.58
N GLN E 66 24.61 13.89 -8.51
CA GLN E 66 25.98 13.97 -8.95
C GLN E 66 26.75 14.52 -7.76
N HIS E 67 27.42 13.64 -7.01
CA HIS E 67 28.19 14.10 -5.85
C HIS E 67 29.52 14.67 -6.32
N HIS E 68 30.13 15.46 -5.44
CA HIS E 68 31.37 16.15 -5.70
C HIS E 68 32.20 16.01 -4.45
N GLY E 69 33.27 15.24 -4.54
CA GLY E 69 34.09 15.01 -3.37
C GLY E 69 34.17 13.55 -3.02
N ARG E 70 34.36 13.27 -1.73
CA ARG E 70 34.56 11.91 -1.26
C ARG E 70 33.31 11.38 -0.57
N MET E 71 32.89 10.17 -0.95
CA MET E 71 31.71 9.52 -0.37
C MET E 71 32.05 8.19 0.27
N LEU E 72 31.80 8.07 1.57
CA LEU E 72 31.92 6.80 2.24
C LEU E 72 30.65 5.95 1.99
N LEU E 73 30.77 4.99 1.09
CA LEU E 73 29.68 4.15 0.69
C LEU E 73 29.69 2.87 1.53
N SER E 74 28.63 2.64 2.30
CA SER E 74 28.68 1.57 3.29
C SER E 74 28.69 0.17 2.66
N GLY E 75 29.58 -0.68 3.16
CA GLY E 75 29.80 -1.99 2.57
C GLY E 75 28.65 -2.98 2.76
N ASN E 76 27.87 -2.73 3.81
CA ASN E 76 26.71 -3.54 4.18
C ASN E 76 25.80 -4.00 3.05
N ASN E 77 25.67 -3.16 2.03
CA ASN E 77 24.74 -3.38 0.94
C ASN E 77 25.40 -3.52 -0.40
N ILE E 78 26.73 -3.46 -0.44
CA ILE E 78 27.38 -3.69 -1.72
C ILE E 78 27.23 -5.16 -2.17
N ALA E 79 26.97 -5.32 -3.46
CA ALA E 79 26.67 -6.62 -4.05
C ALA E 79 27.73 -6.95 -5.09
N ILE E 80 27.88 -6.05 -6.05
CA ILE E 80 28.82 -6.24 -7.14
C ILE E 80 29.77 -5.05 -7.27
N LEU E 81 31.04 -5.34 -7.52
CA LEU E 81 32.00 -4.32 -7.91
C LEU E 81 32.35 -4.49 -9.36
N VAL E 82 32.10 -3.46 -10.16
CA VAL E 82 32.52 -3.48 -11.55
C VAL E 82 33.59 -2.43 -11.88
N PRO E 83 34.83 -2.89 -12.10
CA PRO E 83 35.88 -1.97 -12.60
C PRO E 83 35.52 -1.37 -13.97
N GLY E 84 35.48 -0.04 -14.03
CA GLY E 84 34.87 0.69 -15.13
C GLY E 84 33.45 1.13 -14.78
N ILE F 27 33.07 -26.31 2.98
CA ILE F 27 32.34 -27.50 2.54
C ILE F 27 32.23 -27.53 1.03
N LEU F 28 32.44 -26.39 0.40
CA LEU F 28 32.35 -26.29 -1.04
C LEU F 28 33.67 -25.82 -1.61
N ASP F 29 34.31 -26.68 -2.39
CA ASP F 29 35.59 -26.35 -3.00
C ASP F 29 35.40 -25.72 -4.38
N LEU F 30 35.49 -24.39 -4.37
CA LEU F 30 35.30 -23.55 -5.55
C LEU F 30 36.35 -23.82 -6.61
N ALA F 31 37.44 -24.46 -6.17
CA ALA F 31 38.53 -24.80 -7.04
C ALA F 31 38.02 -25.64 -8.19
N LYS F 32 37.02 -26.49 -7.95
CA LYS F 32 36.49 -27.32 -9.03
C LYS F 32 35.51 -26.58 -9.94
N TYR F 33 35.17 -25.35 -9.59
CA TYR F 33 34.28 -24.56 -10.44
C TYR F 33 35.03 -23.52 -11.26
N LYS F 34 36.34 -23.41 -11.02
CA LYS F 34 37.18 -22.45 -11.72
C LYS F 34 37.20 -22.62 -13.25
N ASP F 35 37.09 -21.49 -13.94
CA ASP F 35 37.05 -21.45 -15.40
C ASP F 35 35.81 -22.09 -15.97
N SER F 36 34.84 -22.29 -15.09
CA SER F 36 33.54 -22.84 -15.43
C SER F 36 32.44 -21.76 -15.29
N LYS F 37 31.36 -21.93 -16.03
CA LYS F 37 30.20 -21.04 -15.93
C LYS F 37 29.41 -21.41 -14.67
N ILE F 38 29.28 -20.46 -13.73
CA ILE F 38 28.50 -20.69 -12.51
C ILE F 38 27.28 -19.77 -12.40
N ARG F 39 26.34 -20.16 -11.56
CA ARG F 39 25.11 -19.41 -11.35
C ARG F 39 24.98 -18.98 -9.90
N VAL F 40 24.93 -17.66 -9.66
CA VAL F 40 25.05 -17.14 -8.30
C VAL F 40 23.87 -16.27 -7.82
N LYS F 41 23.04 -16.79 -6.94
CA LYS F 41 21.89 -16.01 -6.48
C LYS F 41 22.21 -15.08 -5.30
N LEU F 42 22.05 -13.78 -5.52
CA LEU F 42 22.30 -12.81 -4.46
C LEU F 42 21.07 -12.45 -3.68
N MET F 43 21.30 -12.18 -2.41
CA MET F 43 20.29 -11.65 -1.52
C MET F 43 19.86 -10.27 -2.05
N GLY F 44 18.57 -10.09 -2.26
CA GLY F 44 18.06 -8.88 -2.85
C GLY F 44 17.36 -9.15 -4.17
N GLY F 45 17.47 -10.40 -4.62
CA GLY F 45 16.80 -10.84 -5.82
C GLY F 45 17.59 -10.35 -7.01
N LYS F 46 18.73 -10.99 -7.20
CA LYS F 46 19.70 -10.55 -8.17
C LYS F 46 20.48 -11.79 -8.62
N LEU F 47 20.19 -12.26 -9.83
CA LEU F 47 20.86 -13.42 -10.36
C LEU F 47 22.09 -12.97 -11.15
N VAL F 48 23.21 -13.63 -10.93
CA VAL F 48 24.40 -13.29 -11.69
C VAL F 48 25.06 -14.52 -12.32
N ILE F 49 25.24 -14.49 -13.64
CA ILE F 49 25.93 -15.61 -14.31
C ILE F 49 27.30 -15.21 -14.91
N GLY F 50 28.32 -16.03 -14.66
CA GLY F 50 29.68 -15.71 -15.06
C GLY F 50 30.61 -16.89 -14.97
N VAL F 51 31.86 -16.69 -15.36
CA VAL F 51 32.87 -17.75 -15.34
C VAL F 51 33.78 -17.54 -14.15
N LEU F 52 33.85 -18.52 -13.24
CA LEU F 52 34.63 -18.34 -12.02
C LEU F 52 36.11 -18.19 -12.34
N LYS F 53 36.72 -17.13 -11.82
CA LYS F 53 38.10 -16.85 -12.12
C LYS F 53 38.93 -16.72 -10.83
N GLY F 54 38.25 -16.62 -9.70
CA GLY F 54 38.92 -16.54 -8.41
C GLY F 54 38.00 -16.44 -7.22
N TYR F 55 38.56 -16.54 -6.02
CA TYR F 55 37.75 -16.63 -4.80
C TYR F 55 38.57 -16.54 -3.52
N ASP F 56 37.90 -16.22 -2.41
CA ASP F 56 38.52 -16.35 -1.08
C ASP F 56 37.62 -17.10 -0.09
N GLN F 57 38.04 -17.24 1.17
CA GLN F 57 37.33 -18.09 2.14
C GLN F 57 36.02 -17.53 2.69
N LEU F 58 35.79 -16.26 2.40
CA LEU F 58 34.58 -15.58 2.82
C LEU F 58 33.55 -15.70 1.69
N MET F 59 34.02 -16.23 0.58
CA MET F 59 33.23 -16.57 -0.60
C MET F 59 32.97 -15.40 -1.54
N ASN F 60 33.78 -14.35 -1.36
CA ASN F 60 33.93 -13.31 -2.38
C ASN F 60 34.39 -13.97 -3.69
N LEU F 61 33.70 -13.66 -4.78
CA LEU F 61 34.04 -14.22 -6.08
C LEU F 61 34.60 -13.17 -7.03
N VAL F 62 35.40 -13.63 -7.99
CA VAL F 62 35.71 -12.86 -9.20
C VAL F 62 35.12 -13.61 -10.38
N LEU F 63 34.25 -12.95 -11.15
CA LEU F 63 33.61 -13.59 -12.28
C LEU F 63 33.90 -12.83 -13.54
N ASP F 64 34.00 -13.55 -14.65
CA ASP F 64 34.14 -12.88 -15.94
C ASP F 64 33.00 -13.26 -16.89
N ASP F 65 32.80 -12.44 -17.92
CA ASP F 65 31.65 -12.59 -18.83
C ASP F 65 30.39 -12.65 -18.00
N THR F 66 30.29 -11.70 -17.08
CA THR F 66 29.24 -11.65 -16.08
C THR F 66 27.96 -11.09 -16.69
N VAL F 67 26.84 -11.75 -16.45
CA VAL F 67 25.54 -11.25 -16.89
C VAL F 67 24.59 -11.23 -15.69
N GLU F 68 24.02 -10.06 -15.40
CA GLU F 68 23.12 -9.92 -14.25
C GLU F 68 21.66 -9.86 -14.69
N TYR F 69 20.83 -10.49 -13.88
CA TYR F 69 19.41 -10.56 -14.16
C TYR F 69 18.66 -10.02 -12.95
N MET F 70 17.68 -9.16 -13.19
CA MET F 70 16.87 -8.65 -12.09
C MET F 70 15.44 -8.39 -12.49
N ASN F 85 15.15 -7.34 -16.99
CA ASN F 85 15.66 -8.56 -17.60
C ASN F 85 17.17 -8.80 -17.37
N ALA F 86 18.02 -8.47 -18.35
CA ALA F 86 19.43 -8.82 -18.26
C ALA F 86 20.42 -7.80 -18.87
N ARG F 87 21.62 -7.71 -18.32
CA ARG F 87 22.66 -6.83 -18.85
C ARG F 87 24.03 -7.46 -18.61
N LYS F 88 25.00 -7.07 -19.42
CA LYS F 88 26.31 -7.70 -19.31
C LYS F 88 27.37 -6.82 -18.62
N LEU F 89 27.64 -7.14 -17.36
CA LEU F 89 28.74 -6.53 -16.64
C LEU F 89 30.00 -7.34 -16.96
N GLY F 90 31.15 -6.69 -17.09
CA GLY F 90 32.29 -7.42 -17.61
C GLY F 90 32.94 -8.38 -16.61
N LEU F 91 33.97 -7.87 -15.97
CA LEU F 91 34.68 -8.59 -14.96
C LEU F 91 34.15 -8.04 -13.65
N THR F 92 33.56 -8.90 -12.83
CA THR F 92 32.97 -8.41 -11.59
C THR F 92 33.46 -9.15 -10.35
N VAL F 93 33.51 -8.44 -9.23
CA VAL F 93 33.61 -9.08 -7.92
C VAL F 93 32.22 -9.20 -7.28
N ILE F 94 31.94 -10.35 -6.67
CA ILE F 94 30.68 -10.59 -5.97
C ILE F 94 31.01 -10.68 -4.50
N ARG F 95 30.33 -9.92 -3.64
CA ARG F 95 30.56 -10.15 -2.21
C ARG F 95 29.94 -11.49 -1.74
N GLY F 96 30.66 -12.15 -0.83
CA GLY F 96 30.21 -13.41 -0.29
C GLY F 96 29.14 -13.15 0.74
N THR F 97 29.16 -11.94 1.29
CA THR F 97 28.22 -11.56 2.34
C THR F 97 26.79 -11.66 1.83
N ILE F 98 26.55 -11.16 0.62
CA ILE F 98 25.23 -11.21 0.01
C ILE F 98 25.01 -12.44 -0.92
N LEU F 99 25.98 -13.33 -0.95
CA LEU F 99 25.79 -14.58 -1.68
C LEU F 99 24.78 -15.40 -0.92
N VAL F 100 23.87 -15.99 -1.66
CA VAL F 100 22.80 -16.78 -1.05
C VAL F 100 22.83 -18.27 -1.51
N SER F 101 23.36 -18.45 -2.70
CA SER F 101 23.25 -19.72 -3.37
C SER F 101 24.21 -19.77 -4.55
N LEU F 102 24.84 -20.92 -4.76
CA LEU F 102 25.78 -21.10 -5.86
C LEU F 102 25.56 -22.43 -6.55
N SER F 103 25.55 -22.43 -7.87
CA SER F 103 25.49 -23.70 -8.60
C SER F 103 26.22 -23.57 -9.95
N SER F 104 26.07 -24.54 -10.84
CA SER F 104 26.77 -24.46 -12.11
C SER F 104 25.85 -24.03 -13.25
N ALA F 105 26.42 -23.51 -14.34
CA ALA F 105 25.60 -23.06 -15.47
C ALA F 105 26.02 -23.68 -16.80
N MET G 1 17.67 -34.52 18.81
CA MET G 1 18.85 -33.95 19.44
C MET G 1 19.11 -32.53 18.93
N LEU G 2 20.35 -32.08 18.95
CA LEU G 2 20.68 -30.76 18.43
C LEU G 2 20.42 -30.70 16.92
N PRO G 3 19.78 -29.62 16.45
CA PRO G 3 19.49 -29.52 15.02
C PRO G 3 20.74 -29.59 14.15
N LEU G 4 21.88 -29.11 14.64
CA LEU G 4 23.10 -29.18 13.83
C LEU G 4 23.67 -30.61 13.80
N TYR G 5 23.75 -31.21 14.98
CA TYR G 5 24.24 -32.58 15.10
C TYR G 5 23.34 -33.50 14.28
N LEU G 6 22.04 -33.24 14.36
CA LEU G 6 21.06 -34.03 13.66
C LEU G 6 21.22 -33.90 12.15
N LEU G 7 21.58 -32.70 11.73
CA LEU G 7 21.77 -32.39 10.32
C LEU G 7 23.01 -33.08 9.74
N THR G 8 24.11 -33.02 10.47
CA THR G 8 25.33 -33.64 9.97
C THR G 8 25.15 -35.16 9.89
N ASN G 9 24.45 -35.72 10.86
CA ASN G 9 24.11 -37.14 10.88
C ASN G 9 22.98 -37.47 9.92
N ALA G 10 22.86 -36.71 8.84
CA ALA G 10 21.82 -36.90 7.85
C ALA G 10 22.38 -36.72 6.43
N LYS G 11 23.71 -36.67 6.33
CA LYS G 11 24.36 -36.71 5.05
C LYS G 11 23.94 -38.00 4.33
N GLY G 12 23.64 -37.87 3.04
CA GLY G 12 23.19 -39.01 2.26
C GLY G 12 21.70 -39.12 2.13
N GLN G 13 20.95 -38.39 2.96
CA GLN G 13 19.49 -38.41 2.95
C GLN G 13 18.95 -37.39 1.97
N GLN G 14 17.76 -37.65 1.45
CA GLN G 14 17.11 -36.70 0.56
C GLN G 14 16.28 -35.75 1.39
N MET G 15 16.35 -34.46 1.10
CA MET G 15 15.57 -33.51 1.87
C MET G 15 15.05 -32.34 1.05
N GLN G 16 14.16 -31.56 1.65
CA GLN G 16 13.55 -30.43 0.96
C GLN G 16 13.77 -29.10 1.74
N ILE G 17 14.43 -28.14 1.13
CA ILE G 17 14.73 -26.87 1.78
C ILE G 17 13.88 -25.70 1.27
N GLU G 18 13.16 -25.00 2.16
CA GLU G 18 12.56 -23.74 1.73
C GLU G 18 13.49 -22.55 2.01
N LEU G 19 13.78 -21.76 0.96
CA LEU G 19 14.53 -20.54 1.13
C LEU G 19 13.64 -19.36 1.50
N LYS G 20 14.25 -18.23 1.80
CA LYS G 20 13.53 -17.08 2.33
C LYS G 20 12.70 -16.40 1.26
N ASN G 21 13.13 -16.52 0.00
CA ASN G 21 12.35 -16.03 -1.11
C ASN G 21 11.20 -16.98 -1.51
N GLY G 22 11.07 -18.08 -0.79
CA GLY G 22 10.02 -19.05 -1.04
C GLY G 22 10.35 -20.16 -2.03
N GLU G 23 11.48 -19.99 -2.72
CA GLU G 23 12.07 -20.97 -3.63
C GLU G 23 12.30 -22.30 -2.92
N ILE G 24 12.17 -23.42 -3.63
CA ILE G 24 12.33 -24.73 -2.99
C ILE G 24 13.50 -25.51 -3.59
N ILE G 25 14.37 -26.01 -2.72
CA ILE G 25 15.50 -26.78 -3.18
C ILE G 25 15.42 -28.20 -2.67
N GLN G 26 15.39 -29.13 -3.61
CA GLN G 26 15.22 -30.53 -3.26
C GLN G 26 16.45 -31.34 -3.70
N GLY G 27 16.93 -32.21 -2.82
CA GLY G 27 18.15 -32.97 -3.10
C GLY G 27 18.79 -33.70 -1.94
N ILE G 28 19.92 -34.37 -2.21
CA ILE G 28 20.56 -35.19 -1.18
C ILE G 28 21.76 -34.48 -0.53
N LEU G 29 21.77 -34.49 0.79
CA LEU G 29 22.69 -33.67 1.54
C LEU G 29 24.09 -34.23 1.43
N THR G 30 25.01 -33.46 0.88
CA THR G 30 26.37 -33.96 0.79
C THR G 30 27.23 -33.42 1.93
N ASN G 31 26.97 -32.21 2.38
CA ASN G 31 27.72 -31.63 3.49
C ASN G 31 27.02 -30.50 4.27
N VAL G 32 27.42 -30.30 5.53
CA VAL G 32 26.96 -29.21 6.37
C VAL G 32 28.15 -28.56 7.09
N ASP G 33 28.22 -27.23 7.13
CA ASP G 33 29.06 -26.63 8.15
C ASP G 33 28.31 -26.13 9.39
N ASN G 34 29.03 -25.45 10.28
CA ASN G 34 28.46 -24.94 11.51
C ASN G 34 27.50 -23.78 11.29
N TRP G 35 27.50 -23.20 10.11
CA TRP G 35 26.58 -22.12 9.87
C TRP G 35 25.31 -22.60 9.18
N MET G 36 25.17 -23.91 9.07
CA MET G 36 24.10 -24.56 8.31
C MET G 36 24.11 -24.18 6.85
N ASN G 37 25.28 -23.82 6.35
CA ASN G 37 25.50 -23.79 4.91
C ASN G 37 25.54 -25.22 4.43
N LEU G 38 25.04 -25.45 3.24
CA LEU G 38 24.74 -26.80 2.81
C LEU G 38 25.24 -26.97 1.38
N THR G 39 25.71 -28.17 1.09
CA THR G 39 25.85 -28.59 -0.28
C THR G 39 24.93 -29.78 -0.45
N LEU G 40 24.20 -29.77 -1.57
CA LEU G 40 23.38 -30.89 -1.97
C LEU G 40 23.77 -31.37 -3.34
N SER G 41 23.57 -32.66 -3.59
CA SER G 41 23.67 -33.19 -4.95
C SER G 41 22.30 -33.69 -5.37
N ASN G 42 22.19 -34.06 -6.65
CA ASN G 42 20.93 -34.56 -7.18
C ASN G 42 19.85 -33.49 -7.01
N VAL G 43 20.21 -32.27 -7.40
CA VAL G 43 19.42 -31.10 -7.04
C VAL G 43 18.36 -30.74 -8.07
N THR G 44 17.12 -30.66 -7.60
CA THR G 44 16.05 -30.03 -8.36
C THR G 44 15.53 -28.73 -7.64
N GLU G 45 15.48 -27.64 -8.39
CA GLU G 45 15.14 -26.33 -7.84
C GLU G 45 13.82 -25.76 -8.37
N TYR G 46 12.81 -25.70 -7.51
CA TYR G 46 11.51 -25.12 -7.86
C TYR G 46 11.40 -23.65 -7.46
N SER G 47 10.27 -23.01 -7.76
CA SER G 47 10.11 -21.58 -7.45
C SER G 47 9.16 -21.30 -6.29
N VAL G 64 14.00 -26.98 -12.67
CA VAL G 64 15.44 -26.79 -12.94
C VAL G 64 16.33 -27.81 -12.22
N LYS G 65 17.01 -28.66 -12.99
CA LYS G 65 17.87 -29.68 -12.42
C LYS G 65 19.34 -29.26 -12.35
N LEU G 66 19.98 -29.56 -11.22
CA LEU G 66 21.40 -29.29 -11.01
C LEU G 66 22.14 -30.46 -10.38
N ASN G 67 23.45 -30.51 -10.62
CA ASN G 67 24.32 -31.55 -10.08
C ASN G 67 24.63 -31.34 -8.62
N GLU G 68 25.08 -30.13 -8.30
CA GLU G 68 25.41 -29.73 -6.95
C GLU G 68 25.06 -28.27 -6.75
N ILE G 69 24.57 -27.95 -5.56
CA ILE G 69 24.19 -26.59 -5.19
C ILE G 69 24.59 -26.25 -3.76
N TYR G 70 25.04 -25.01 -3.58
CA TYR G 70 25.45 -24.53 -2.27
C TYR G 70 24.45 -23.52 -1.69
N ILE G 71 23.92 -23.80 -0.51
CA ILE G 71 22.92 -22.93 0.11
C ILE G 71 23.50 -22.23 1.35
N ARG G 72 23.33 -20.92 1.45
CA ARG G 72 23.70 -20.19 2.67
C ARG G 72 22.67 -20.40 3.77
N GLY G 73 23.13 -20.84 4.94
CA GLY G 73 22.26 -21.08 6.08
C GLY G 73 21.34 -19.95 6.49
N THR G 74 21.84 -18.70 6.42
CA THR G 74 21.03 -17.54 6.77
C THR G 74 19.90 -17.28 5.78
N PHE G 75 19.98 -17.89 4.61
CA PHE G 75 18.93 -17.74 3.63
C PHE G 75 17.95 -18.88 3.71
N ILE G 76 18.21 -19.83 4.60
CA ILE G 76 17.23 -20.88 4.80
C ILE G 76 16.08 -20.51 5.73
N LYS G 77 14.87 -20.88 5.31
CA LYS G 77 13.68 -20.78 6.14
C LYS G 77 13.52 -22.04 7.01
N PHE G 78 13.23 -23.17 6.36
CA PHE G 78 13.12 -24.47 7.05
C PHE G 78 13.50 -25.63 6.14
N ILE G 79 13.75 -26.79 6.74
CA ILE G 79 14.21 -27.97 6.04
C ILE G 79 13.29 -29.14 6.34
N LYS G 80 12.64 -29.68 5.31
CA LYS G 80 11.82 -30.90 5.46
C LYS G 80 12.71 -32.13 5.39
N LEU G 81 12.79 -32.84 6.49
CA LEU G 81 13.64 -34.03 6.61
C LEU G 81 12.89 -35.30 6.25
N GLN G 82 13.64 -36.38 6.05
CA GLN G 82 13.09 -37.71 5.78
C GLN G 82 12.29 -38.22 6.96
N ASP G 83 11.15 -38.84 6.69
CA ASP G 83 10.29 -39.38 7.74
C ASP G 83 11.02 -40.44 8.57
N ASN G 84 11.83 -41.23 7.89
CA ASN G 84 12.70 -42.22 8.55
C ASN G 84 14.06 -41.63 8.92
N ILE G 85 14.07 -40.73 9.90
CA ILE G 85 15.30 -40.05 10.29
C ILE G 85 15.67 -40.32 11.76
N ILE G 86 15.18 -41.42 12.31
CA ILE G 86 15.51 -41.74 13.71
C ILE G 86 16.45 -42.94 13.83
N MET H 1 -20.34 25.39 -29.53
CA MET H 1 -19.64 24.32 -30.23
C MET H 1 -19.34 23.12 -29.34
N SER H 2 -19.52 21.92 -29.86
CA SER H 2 -19.25 20.70 -29.12
C SER H 2 -18.27 19.78 -29.86
N ALA H 3 -17.25 19.30 -29.15
CA ALA H 3 -16.29 18.36 -29.71
C ALA H 3 -16.94 16.99 -29.98
N THR H 4 -16.51 16.32 -31.04
CA THR H 4 -17.05 15.02 -31.37
C THR H 4 -15.97 14.08 -31.92
N LEU H 5 -16.14 12.79 -31.67
CA LEU H 5 -15.21 11.78 -32.17
C LEU H 5 -15.53 11.39 -33.61
N LYS H 6 -16.32 12.23 -34.28
CA LYS H 6 -16.74 11.94 -35.65
C LYS H 6 -15.58 11.95 -36.64
N ASP H 7 -14.53 12.71 -36.34
CA ASP H 7 -13.38 12.82 -37.22
C ASP H 7 -12.48 11.59 -37.15
N TYR H 8 -12.94 10.57 -36.45
CA TYR H 8 -12.15 9.36 -36.29
C TYR H 8 -12.80 8.16 -36.96
N LEU H 9 -14.02 8.38 -37.45
CA LEU H 9 -14.83 7.33 -38.06
C LEU H 9 -14.09 6.46 -39.08
N ASN H 10 -14.34 5.15 -39.01
CA ASN H 10 -13.78 4.19 -39.97
C ASN H 10 -12.29 4.36 -40.16
N LYS H 11 -11.57 4.55 -39.06
CA LYS H 11 -10.14 4.76 -39.12
C LYS H 11 -9.49 4.01 -37.98
N ARG H 12 -8.18 3.74 -38.09
CA ARG H 12 -7.50 3.11 -36.96
C ARG H 12 -7.48 4.13 -35.83
N VAL H 13 -7.60 3.66 -34.59
CA VAL H 13 -7.44 4.48 -33.39
C VAL H 13 -6.69 3.74 -32.28
N VAL H 14 -6.32 4.50 -31.25
CA VAL H 14 -5.80 3.95 -30.00
C VAL H 14 -6.83 4.24 -28.95
N ILE H 15 -6.88 3.34 -27.96
CA ILE H 15 -7.67 3.60 -26.78
C ILE H 15 -6.79 3.29 -25.60
N ILE H 16 -6.70 4.25 -24.69
CA ILE H 16 -6.14 3.99 -23.38
C ILE H 16 -7.30 3.94 -22.40
N LEU H 17 -7.33 2.90 -21.58
CA LEU H 17 -8.40 2.69 -20.63
C LEU H 17 -8.11 3.25 -19.24
N VAL H 18 -9.12 3.29 -18.38
CA VAL H 18 -8.95 3.86 -17.06
C VAL H 18 -7.96 3.07 -16.19
N ASP H 19 -7.85 1.77 -16.44
CA ASP H 19 -6.85 0.91 -15.78
C ASP H 19 -5.45 1.07 -16.33
N GLY H 20 -5.32 1.78 -17.46
CA GLY H 20 -4.02 2.02 -18.06
C GLY H 20 -3.78 1.30 -19.37
N GLU H 21 -4.31 0.08 -19.50
CA GLU H 21 -4.12 -0.74 -20.70
C GLU H 21 -4.45 0.02 -21.99
N SER H 22 -3.89 -0.41 -23.12
CA SER H 22 -4.29 0.18 -24.40
C SER H 22 -4.68 -0.87 -25.42
N LEU H 23 -5.29 -0.38 -26.49
CA LEU H 23 -5.84 -1.19 -27.57
C LEU H 23 -5.70 -0.47 -28.91
N ILE H 24 -5.69 -1.24 -30.01
CA ILE H 24 -5.70 -0.68 -31.34
C ILE H 24 -6.97 -1.18 -31.99
N ALA H 25 -7.65 -0.30 -32.71
CA ALA H 25 -8.89 -0.71 -33.39
C ALA H 25 -9.34 0.29 -34.44
N SER H 26 -10.31 -0.14 -35.22
CA SER H 26 -11.01 0.78 -36.08
C SER H 26 -12.30 1.23 -35.39
N LEU H 27 -12.56 2.54 -35.38
CA LEU H 27 -13.82 3.08 -34.87
C LEU H 27 -14.89 2.99 -35.93
N ASN H 28 -15.91 2.18 -35.71
CA ASN H 28 -17.01 2.13 -36.68
C ASN H 28 -18.32 2.67 -36.14
N GLY H 29 -18.27 3.24 -34.93
CA GLY H 29 -19.45 3.81 -34.29
C GLY H 29 -19.25 4.25 -32.85
N PHE H 30 -20.01 5.26 -32.45
CA PHE H 30 -19.89 5.86 -31.12
C PHE H 30 -21.17 6.61 -30.78
N ASP H 31 -21.46 6.80 -29.49
CA ASP H 31 -22.66 7.57 -29.08
C ASP H 31 -22.20 8.79 -28.27
N LYS H 32 -23.14 9.52 -27.67
CA LYS H 32 -22.78 10.65 -26.82
C LYS H 32 -22.14 10.18 -25.51
N ASN H 33 -22.49 8.98 -25.08
CA ASN H 33 -21.94 8.43 -23.83
C ASN H 33 -20.49 7.96 -23.93
N THR H 34 -19.95 8.04 -25.14
CA THR H 34 -18.58 7.62 -25.53
C THR H 34 -18.39 6.09 -25.53
N ASN H 35 -19.51 5.39 -25.65
CA ASN H 35 -19.51 3.98 -25.95
C ASN H 35 -19.12 3.80 -27.40
N LEU H 36 -18.14 2.94 -27.61
CA LEU H 36 -17.56 2.73 -28.93
C LEU H 36 -17.88 1.36 -29.53
N PHE H 37 -18.13 1.34 -30.83
CA PHE H 37 -18.12 0.11 -31.62
C PHE H 37 -16.75 0.01 -32.28
N LEU H 38 -16.01 -1.05 -31.94
CA LEU H 38 -14.61 -1.22 -32.41
C LEU H 38 -14.43 -2.44 -33.32
N THR H 39 -13.58 -2.33 -34.35
CA THR H 39 -13.33 -3.48 -35.23
C THR H 39 -11.86 -3.88 -35.33
N ASN H 40 -11.64 -5.19 -35.29
CA ASN H 40 -10.32 -5.78 -35.46
C ASN H 40 -9.44 -5.32 -34.31
N VAL H 41 -9.84 -5.72 -33.12
CA VAL H 41 -9.23 -5.27 -31.88
C VAL H 41 -8.01 -6.15 -31.44
N PHE H 42 -6.88 -5.47 -31.26
CA PHE H 42 -5.59 -6.03 -30.85
C PHE H 42 -5.15 -5.39 -29.51
N ASN H 43 -4.51 -6.16 -28.62
CA ASN H 43 -3.82 -5.54 -27.46
C ASN H 43 -2.37 -5.20 -27.79
N ARG H 44 -1.99 -3.93 -27.63
CA ARG H 44 -0.61 -3.48 -27.85
C ARG H 44 0.45 -4.20 -26.99
N ILE H 45 0.25 -4.23 -25.68
CA ILE H 45 1.19 -4.94 -24.81
C ILE H 45 1.26 -6.46 -25.14
N SER H 46 0.11 -7.10 -25.27
CA SER H 46 0.03 -8.51 -25.65
C SER H 46 0.53 -8.76 -27.07
N LYS H 47 0.29 -7.79 -27.96
CA LYS H 47 0.48 -7.97 -29.40
C LYS H 47 -0.40 -9.14 -29.86
N GLU H 48 -1.59 -9.24 -29.27
CA GLU H 48 -2.48 -10.39 -29.45
C GLU H 48 -3.92 -10.02 -29.89
N PHE H 49 -4.50 -10.74 -30.85
CA PHE H 49 -5.93 -10.58 -31.22
C PHE H 49 -6.87 -10.58 -30.03
N ILE H 50 -7.74 -9.58 -29.98
CA ILE H 50 -8.79 -9.63 -28.96
C ILE H 50 -10.08 -9.98 -29.63
N SER H 51 -10.52 -9.14 -30.57
CA SER H 51 -11.84 -9.34 -31.16
C SER H 51 -12.03 -8.74 -32.55
N LYS H 52 -12.79 -9.45 -33.36
CA LYS H 52 -13.20 -9.03 -34.69
C LYS H 52 -14.12 -7.82 -34.52
N ALA H 53 -15.05 -7.93 -33.56
CA ALA H 53 -16.02 -6.86 -33.34
C ALA H 53 -16.45 -6.80 -31.90
N GLN H 54 -16.15 -5.70 -31.23
CA GLN H 54 -16.58 -5.54 -29.85
C GLN H 54 -17.13 -4.16 -29.53
N LEU H 55 -17.92 -4.15 -28.44
CA LEU H 55 -18.60 -2.97 -27.96
C LEU H 55 -17.88 -2.53 -26.69
N LEU H 56 -17.32 -1.34 -26.73
CA LEU H 56 -16.56 -0.83 -25.59
C LEU H 56 -17.31 0.26 -24.81
N ARG H 57 -17.62 -0.03 -23.56
CA ARG H 57 -18.30 0.98 -22.74
C ARG H 57 -17.41 2.18 -22.38
N GLY H 58 -17.94 3.38 -22.63
CA GLY H 58 -17.22 4.63 -22.45
C GLY H 58 -16.56 4.73 -21.10
N SER H 59 -17.29 4.34 -20.07
CA SER H 59 -16.84 4.38 -18.68
C SER H 59 -15.42 3.83 -18.48
N GLU H 60 -14.95 3.09 -19.46
CA GLU H 60 -13.70 2.39 -19.38
C GLU H 60 -12.61 3.13 -20.13
N ILE H 61 -13.04 4.13 -20.89
CA ILE H 61 -12.16 4.89 -21.79
C ILE H 61 -11.63 6.15 -21.12
N ALA H 62 -10.32 6.32 -21.17
CA ALA H 62 -9.71 7.53 -20.65
C ALA H 62 -9.59 8.48 -21.83
N LEU H 63 -9.18 7.91 -22.96
CA LEU H 63 -8.56 8.67 -24.03
C LEU H 63 -8.71 7.91 -25.35
N VAL H 64 -9.05 8.59 -26.43
CA VAL H 64 -9.03 7.91 -27.74
C VAL H 64 -8.07 8.58 -28.74
N GLY H 65 -7.02 7.85 -29.13
CA GLY H 65 -6.03 8.42 -30.01
C GLY H 65 -6.16 8.01 -31.47
N LEU H 66 -5.78 8.90 -32.38
CA LEU H 66 -5.88 8.61 -33.81
C LEU H 66 -4.56 8.06 -34.38
N ILE H 67 -4.64 6.89 -34.99
CA ILE H 67 -3.55 6.36 -35.83
C ILE H 67 -3.92 6.40 -37.30
N MET I 1 -22.76 25.02 -16.96
CA MET I 1 -22.44 25.58 -18.28
C MET I 1 -21.24 26.55 -18.31
N LEU I 2 -20.82 27.01 -17.15
CA LEU I 2 -19.71 27.97 -16.99
C LEU I 2 -18.34 27.54 -17.51
N PHE I 3 -17.88 26.35 -17.09
CA PHE I 3 -16.56 25.87 -17.47
C PHE I 3 -16.49 25.40 -18.90
N PHE I 4 -17.65 25.12 -19.49
CA PHE I 4 -17.72 24.88 -20.91
C PHE I 4 -17.38 26.17 -21.63
N SER I 5 -17.95 27.28 -21.16
CA SER I 5 -17.66 28.62 -21.71
C SER I 5 -16.19 28.95 -21.55
N PHE I 6 -15.69 28.68 -20.35
CA PHE I 6 -14.32 29.00 -20.01
C PHE I 6 -13.31 28.28 -20.89
N PHE I 7 -13.46 26.96 -20.99
CA PHE I 7 -12.66 26.16 -21.92
C PHE I 7 -12.85 26.57 -23.38
N LYS I 8 -13.96 27.20 -23.72
CA LYS I 8 -14.15 27.64 -25.09
C LYS I 8 -13.25 28.82 -25.40
N THR I 9 -12.66 29.37 -24.33
CA THR I 9 -11.77 30.52 -24.39
C THR I 9 -10.32 30.11 -24.67
N LEU I 10 -9.92 28.95 -24.17
CA LEU I 10 -8.54 28.50 -24.32
C LEU I 10 -8.38 27.67 -25.58
N VAL I 11 -9.32 27.80 -26.51
CA VAL I 11 -9.19 27.08 -27.78
C VAL I 11 -8.02 27.67 -28.55
N ASP I 12 -7.29 26.81 -29.28
CA ASP I 12 -6.06 27.18 -29.99
C ASP I 12 -4.87 27.42 -29.06
N GLN I 13 -5.13 27.45 -27.76
CA GLN I 13 -4.07 27.53 -26.76
C GLN I 13 -3.48 26.15 -26.53
N GLU I 14 -2.23 26.13 -26.10
CA GLU I 14 -1.60 24.89 -25.73
C GLU I 14 -1.88 24.69 -24.27
N VAL I 15 -2.25 23.47 -23.91
CA VAL I 15 -2.58 23.15 -22.51
C VAL I 15 -1.79 21.92 -22.09
N VAL I 16 -1.75 21.64 -20.80
CA VAL I 16 -1.20 20.37 -20.33
C VAL I 16 -2.27 19.70 -19.49
N VAL I 17 -2.59 18.45 -19.84
CA VAL I 17 -3.72 17.76 -19.23
C VAL I 17 -3.25 16.53 -18.48
N GLU I 18 -3.46 16.54 -17.17
CA GLU I 18 -3.08 15.41 -16.36
C GLU I 18 -4.30 14.55 -16.14
N LEU I 19 -4.09 13.24 -16.11
CA LEU I 19 -5.21 12.32 -16.04
C LEU I 19 -5.17 11.60 -14.75
N LYS I 20 -6.28 10.98 -14.42
CA LYS I 20 -6.40 10.31 -13.14
C LYS I 20 -5.50 9.07 -13.06
N ASN I 21 -5.19 8.47 -14.19
CA ASN I 21 -4.24 7.35 -14.18
C ASN I 21 -2.85 7.92 -14.49
N ASP I 22 -2.66 9.14 -14.01
CA ASP I 22 -1.33 9.72 -13.85
C ASP I 22 -0.60 9.88 -15.18
N ILE I 23 -1.38 10.16 -16.21
CA ILE I 23 -0.87 10.33 -17.57
C ILE I 23 -0.92 11.80 -17.93
N GLU I 24 0.17 12.32 -18.47
CA GLU I 24 0.26 13.74 -18.80
C GLU I 24 0.42 13.98 -20.30
N ILE I 25 -0.40 14.88 -20.85
CA ILE I 25 -0.42 15.17 -22.28
C ILE I 25 -0.48 16.67 -22.64
N LYS I 26 0.59 17.15 -23.28
CA LYS I 26 0.65 18.52 -23.77
C LYS I 26 0.14 18.56 -25.21
N GLY I 27 -0.83 19.42 -25.50
CA GLY I 27 -1.40 19.52 -26.84
C GLY I 27 -2.03 20.87 -27.10
N THR I 28 -2.42 21.14 -28.35
CA THR I 28 -3.16 22.37 -28.63
C THR I 28 -4.65 22.10 -28.48
N LEU I 29 -5.33 22.92 -27.67
CA LEU I 29 -6.75 22.69 -27.44
C LEU I 29 -7.53 22.95 -28.72
N GLN I 30 -8.01 21.86 -29.32
CA GLN I 30 -8.78 21.91 -30.57
C GLN I 30 -10.27 22.19 -30.27
N SER I 31 -10.81 21.54 -29.24
CA SER I 31 -12.24 21.67 -28.93
C SER I 31 -12.70 21.02 -27.63
N VAL I 32 -13.86 21.48 -27.15
CA VAL I 32 -14.45 21.09 -25.87
C VAL I 32 -15.94 20.79 -26.07
N ASP I 33 -16.45 19.75 -25.42
CA ASP I 33 -17.86 19.42 -25.48
C ASP I 33 -18.55 19.70 -24.15
N GLN I 34 -19.86 19.49 -24.11
CA GLN I 34 -20.64 19.75 -22.90
C GLN I 34 -20.13 18.97 -21.69
N PHE I 35 -19.71 17.72 -21.94
CA PHE I 35 -19.22 16.87 -20.87
C PHE I 35 -17.81 17.24 -20.45
N LEU I 36 -17.27 18.29 -21.05
CA LEU I 36 -15.92 18.75 -20.74
C LEU I 36 -14.87 17.86 -21.38
N ASN I 37 -15.29 17.09 -22.38
CA ASN I 37 -14.37 16.25 -23.13
C ASN I 37 -13.49 17.16 -23.98
N LEU I 38 -12.21 16.78 -24.13
CA LEU I 38 -11.24 17.64 -24.80
C LEU I 38 -10.69 16.93 -26.01
N LYS I 39 -10.82 17.57 -27.17
CA LYS I 39 -10.04 17.15 -28.33
C LYS I 39 -8.75 17.98 -28.37
N LEU I 40 -7.62 17.36 -28.71
CA LEU I 40 -6.35 18.07 -28.72
C LEU I 40 -5.55 17.80 -29.98
N ASP I 41 -5.05 18.86 -30.62
CA ASP I 41 -4.23 18.71 -31.82
C ASP I 41 -2.73 18.89 -31.53
N ASN I 42 -1.89 18.22 -32.33
CA ASN I 42 -0.43 18.25 -32.20
C ASN I 42 0.09 17.90 -30.81
N ILE I 43 -0.06 16.62 -30.49
CA ILE I 43 0.21 16.05 -29.18
C ILE I 43 1.69 15.81 -28.92
N SER I 44 2.10 15.95 -27.66
CA SER I 44 3.47 15.70 -27.22
C SER I 44 3.47 15.10 -25.82
N SER I 45 4.64 14.63 -25.38
CA SER I 45 4.81 14.09 -24.03
C SER I 45 5.09 15.21 -23.03
N PRO I 52 2.44 8.11 -21.91
CA PRO I 52 2.54 6.64 -21.98
C PRO I 52 3.50 6.21 -23.08
N HIS I 53 3.15 5.16 -23.82
CA HIS I 53 3.92 4.74 -24.98
C HIS I 53 3.61 5.65 -26.17
N LEU I 54 2.53 5.37 -26.89
CA LEU I 54 1.98 6.29 -27.89
C LEU I 54 2.93 6.67 -29.02
N GLY I 55 2.95 5.84 -30.06
CA GLY I 55 3.83 6.02 -31.20
C GLY I 55 3.67 7.33 -31.95
N SER I 56 2.90 7.31 -33.03
CA SER I 56 2.65 8.51 -33.80
C SER I 56 1.73 9.43 -33.03
N VAL I 57 0.43 9.23 -33.22
CA VAL I 57 -0.66 10.03 -32.63
C VAL I 57 -0.47 11.54 -32.48
N ARG I 58 -1.07 12.30 -33.40
CA ARG I 58 -1.03 13.75 -33.35
C ARG I 58 -2.36 14.36 -32.91
N ASN I 59 -3.40 13.54 -32.81
CA ASN I 59 -4.68 14.04 -32.42
C ASN I 59 -5.38 13.08 -31.51
N ILE I 60 -5.87 13.59 -30.39
CA ILE I 60 -6.58 12.77 -29.43
C ILE I 60 -7.83 13.42 -28.89
N PHE I 61 -8.63 12.57 -28.25
CA PHE I 61 -9.84 12.98 -27.59
C PHE I 61 -9.76 12.43 -26.16
N ILE I 62 -10.13 13.28 -25.20
CA ILE I 62 -9.91 12.96 -23.78
C ILE I 62 -11.25 13.01 -23.06
N ARG I 63 -11.57 11.93 -22.36
CA ARG I 63 -12.87 11.86 -21.70
C ARG I 63 -12.83 12.62 -20.38
N GLY I 64 -13.61 13.70 -20.35
CA GLY I 64 -13.67 14.64 -19.25
C GLY I 64 -13.68 14.01 -17.87
N SER I 65 -14.38 12.89 -17.71
CA SER I 65 -14.45 12.16 -16.46
C SER I 65 -13.10 11.69 -15.93
N THR I 66 -12.10 11.62 -16.79
CA THR I 66 -10.83 10.97 -16.43
C THR I 66 -9.69 11.91 -16.12
N VAL I 67 -9.81 13.17 -16.56
CA VAL I 67 -8.82 14.16 -16.23
C VAL I 67 -8.82 14.49 -14.74
N ARG I 68 -7.65 14.83 -14.23
CA ARG I 68 -7.52 15.31 -12.88
C ARG I 68 -7.30 16.82 -12.95
N TYR I 69 -6.33 17.24 -13.76
CA TYR I 69 -6.01 18.66 -13.88
C TYR I 69 -5.95 19.07 -15.33
N VAL I 70 -6.04 20.37 -15.54
CA VAL I 70 -5.57 21.00 -16.79
C VAL I 70 -4.68 22.21 -16.42
N TYR I 71 -3.38 22.14 -16.76
CA TYR I 71 -2.41 23.17 -16.47
C TYR I 71 -2.37 24.30 -17.51
N LEU I 72 -2.63 25.55 -17.07
CA LEU I 72 -2.61 26.71 -17.97
C LEU I 72 -1.59 27.79 -17.53
N ASN I 73 -1.49 28.86 -18.34
CA ASN I 73 -0.73 30.07 -17.98
C ASN I 73 -1.69 31.18 -17.58
N LYS I 74 -1.20 32.17 -16.83
CA LYS I 74 -2.05 33.28 -16.42
C LYS I 74 -2.35 34.23 -17.58
N ASN I 75 -1.62 34.08 -18.68
CA ASN I 75 -1.84 34.91 -19.86
C ASN I 75 -3.10 34.50 -20.59
N MET I 76 -3.43 33.22 -20.47
CA MET I 76 -4.59 32.68 -21.18
C MET I 76 -5.89 33.16 -20.57
N VAL I 77 -5.87 33.49 -19.28
CA VAL I 77 -7.11 33.82 -18.62
C VAL I 77 -7.15 35.19 -17.90
N ASP I 78 -8.32 35.80 -17.97
CA ASP I 78 -8.60 37.04 -17.26
C ASP I 78 -9.34 36.67 -15.99
N THR I 79 -8.63 36.63 -14.87
CA THR I 79 -9.18 36.22 -13.59
C THR I 79 -10.42 37.03 -13.21
N ASN I 80 -10.41 38.32 -13.55
CA ASN I 80 -11.54 39.21 -13.29
C ASN I 80 -12.84 38.65 -13.86
N LEU I 81 -12.80 38.31 -15.14
CA LEU I 81 -13.94 37.75 -15.84
C LEU I 81 -14.39 36.50 -15.13
N LEU I 82 -13.44 35.60 -14.90
CA LEU I 82 -13.64 34.35 -14.20
C LEU I 82 -14.39 34.49 -12.88
N GLN I 83 -14.03 35.48 -12.10
CA GLN I 83 -14.62 35.62 -10.78
C GLN I 83 -16.00 36.20 -10.86
N ASP I 84 -16.13 37.26 -11.66
CA ASP I 84 -17.39 37.94 -11.81
C ASP I 84 -18.41 36.98 -12.40
N ALA I 85 -17.94 36.17 -13.33
CA ALA I 85 -18.74 35.09 -13.95
C ALA I 85 -19.16 34.03 -12.93
N THR I 86 -18.23 33.64 -12.09
CA THR I 86 -18.50 32.68 -11.04
C THR I 86 -19.54 33.21 -10.07
N ARG I 87 -19.49 34.52 -9.83
CA ARG I 87 -20.45 35.18 -8.94
C ARG I 87 -21.88 35.08 -9.44
N ARG I 88 -22.12 35.45 -10.69
CA ARG I 88 -23.45 35.26 -11.28
C ARG I 88 -23.58 33.87 -11.89
N GLU I 89 -23.78 32.89 -11.02
CA GLU I 89 -23.92 31.50 -11.40
C GLU I 89 -24.73 30.82 -10.31
N VAL I 90 -26.02 30.64 -10.58
CA VAL I 90 -26.94 30.10 -9.58
C VAL I 90 -26.79 28.57 -9.43
N MET I 91 -26.79 28.12 -8.19
CA MET I 91 -26.63 26.69 -7.88
C MET I 91 -27.68 26.25 -6.88
N THR J 3 -26.84 26.83 -1.05
CA THR J 3 -26.25 27.75 -0.07
C THR J 3 -24.75 27.50 0.24
N PRO J 4 -24.33 26.22 0.42
CA PRO J 4 -22.89 26.05 0.71
C PRO J 4 -22.03 26.41 -0.49
N LEU J 5 -22.61 26.25 -1.66
CA LEU J 5 -21.93 26.59 -2.90
C LEU J 5 -21.84 28.10 -3.04
N ASP J 6 -22.82 28.84 -2.48
CA ASP J 6 -22.83 30.31 -2.49
C ASP J 6 -21.89 30.83 -1.43
N LEU J 7 -21.84 30.12 -0.31
CA LEU J 7 -20.94 30.46 0.76
C LEU J 7 -19.52 30.30 0.23
N LEU J 8 -19.36 29.32 -0.66
CA LEU J 8 -18.09 29.13 -1.33
C LEU J 8 -17.78 30.34 -2.19
N LYS J 9 -18.83 30.97 -2.74
CA LYS J 9 -18.64 32.14 -3.60
C LYS J 9 -17.95 33.26 -2.82
N LEU J 10 -18.17 33.26 -1.52
CA LEU J 10 -17.66 34.32 -0.68
C LEU J 10 -16.18 34.54 -0.87
N ASN J 11 -15.40 33.47 -0.84
CA ASN J 11 -13.96 33.66 -0.95
C ASN J 11 -13.34 33.37 -2.32
N LEU J 12 -13.95 33.94 -3.35
CA LEU J 12 -13.30 34.06 -4.65
C LEU J 12 -12.10 35.00 -4.48
N ASP J 13 -11.08 34.84 -5.33
CA ASP J 13 -9.84 35.61 -5.30
C ASP J 13 -9.13 35.53 -3.94
N GLU J 14 -9.51 34.54 -3.14
CA GLU J 14 -8.95 34.37 -1.81
C GLU J 14 -8.23 33.04 -1.76
N ARG J 15 -7.29 32.90 -0.85
CA ARG J 15 -6.57 31.65 -0.75
C ARG J 15 -7.44 30.57 -0.12
N VAL J 16 -7.50 29.42 -0.77
CA VAL J 16 -8.28 28.30 -0.23
C VAL J 16 -7.48 27.02 -0.16
N TYR J 17 -8.00 26.12 0.65
CA TYR J 17 -7.36 24.83 0.90
C TYR J 17 -8.28 23.69 0.46
N ILE J 18 -7.80 22.95 -0.53
CA ILE J 18 -8.58 21.89 -1.15
C ILE J 18 -8.01 20.48 -0.95
N LYS J 19 -8.83 19.61 -0.34
CA LYS J 19 -8.49 18.18 -0.21
C LYS J 19 -8.98 17.32 -1.38
N LEU J 20 -8.12 16.46 -1.93
CA LEU J 20 -8.59 15.46 -2.90
C LEU J 20 -8.36 14.04 -2.42
N ARG J 21 -9.00 13.08 -3.07
CA ARG J 21 -8.67 11.69 -2.87
C ARG J 21 -7.30 11.37 -3.43
N GLY J 22 -6.55 10.58 -2.66
CA GLY J 22 -5.22 10.13 -3.06
C GLY J 22 -4.16 10.79 -2.22
N ALA J 23 -4.53 11.18 -1.00
CA ALA J 23 -3.73 12.07 -0.18
C ALA J 23 -3.14 13.20 -1.03
N ARG J 24 -3.99 13.85 -1.82
CA ARG J 24 -3.58 15.02 -2.59
C ARG J 24 -4.10 16.26 -1.88
N THR J 25 -3.34 17.33 -1.94
CA THR J 25 -3.76 18.57 -1.33
C THR J 25 -3.39 19.71 -2.26
N LEU J 26 -4.26 20.70 -2.37
CA LEU J 26 -3.90 21.91 -3.06
C LEU J 26 -4.19 23.12 -2.21
N VAL J 27 -3.50 24.19 -2.53
CA VAL J 27 -3.74 25.47 -1.89
C VAL J 27 -3.61 26.43 -3.06
N GLY J 28 -4.46 27.45 -3.12
CA GLY J 28 -4.42 28.31 -4.27
C GLY J 28 -5.34 29.47 -4.07
N THR J 29 -5.35 30.40 -5.02
CA THR J 29 -6.38 31.43 -4.98
C THR J 29 -7.54 30.96 -5.84
N LEU J 30 -8.71 30.89 -5.21
CA LEU J 30 -9.93 30.48 -5.87
C LEU J 30 -10.25 31.50 -6.93
N GLN J 31 -10.28 31.06 -8.18
CA GLN J 31 -10.57 31.94 -9.29
C GLN J 31 -12.00 31.72 -9.73
N ALA J 32 -12.45 30.47 -9.63
CA ALA J 32 -13.72 30.06 -10.22
C ALA J 32 -14.14 28.67 -9.74
N PHE J 33 -15.44 28.42 -9.74
CA PHE J 33 -15.93 27.09 -9.45
C PHE J 33 -17.42 26.97 -9.84
N ASP J 34 -17.94 25.74 -9.88
CA ASP J 34 -19.34 25.51 -10.19
C ASP J 34 -19.99 24.48 -9.25
N SER J 35 -21.06 23.83 -9.70
CA SER J 35 -21.87 22.95 -8.85
C SER J 35 -21.23 21.57 -8.66
N HIS J 36 -20.32 21.22 -9.54
CA HIS J 36 -19.63 19.97 -9.40
C HIS J 36 -18.29 20.15 -8.73
N SER J 37 -18.04 21.33 -8.19
CA SER J 37 -16.76 21.64 -7.56
C SER J 37 -15.61 21.53 -8.56
N ASN J 38 -15.86 21.84 -9.83
CA ASN J 38 -14.76 22.04 -10.75
C ASN J 38 -14.19 23.38 -10.30
N ILE J 39 -12.88 23.43 -10.11
CA ILE J 39 -12.21 24.62 -9.55
C ILE J 39 -11.21 25.18 -10.55
N VAL J 40 -10.96 26.47 -10.49
CA VAL J 40 -9.77 27.03 -11.13
C VAL J 40 -8.96 27.82 -10.09
N LEU J 41 -7.70 27.44 -9.93
CA LEU J 41 -6.81 28.05 -8.93
C LEU J 41 -5.58 28.67 -9.55
N SER J 42 -5.33 29.92 -9.18
CA SER J 42 -4.13 30.62 -9.62
C SER J 42 -3.08 30.50 -8.52
N ASP J 43 -1.82 30.42 -8.96
CA ASP J 43 -0.67 30.31 -8.06
C ASP J 43 -0.76 29.13 -7.10
N ALA J 44 -1.15 27.97 -7.63
CA ALA J 44 -1.45 26.78 -6.82
C ALA J 44 -0.27 25.85 -6.55
N VAL J 45 -0.22 25.28 -5.35
CA VAL J 45 0.81 24.31 -5.01
C VAL J 45 0.22 22.99 -4.45
N GLU J 46 0.33 21.94 -5.27
CA GLU J 46 -0.16 20.62 -4.87
C GLU J 46 0.87 19.92 -4.00
N THR J 47 0.38 19.21 -2.99
CA THR J 47 1.18 18.31 -2.16
C THR J 47 0.56 16.94 -2.16
N ILE J 48 1.35 15.91 -2.46
CA ILE J 48 0.89 14.53 -2.48
C ILE J 48 1.65 13.82 -1.37
N TYR J 49 1.06 12.80 -0.75
CA TYR J 49 1.72 12.09 0.35
C TYR J 49 1.85 10.60 0.02
N GLN J 50 3.00 10.17 -0.48
CA GLN J 50 3.15 8.78 -0.90
C GLN J 50 4.02 7.95 0.07
N LEU J 51 4.00 6.63 -0.09
CA LEU J 51 4.84 5.74 0.70
C LEU J 51 5.89 5.05 -0.16
N ASN J 52 7.16 5.35 0.11
CA ASN J 52 8.27 4.72 -0.59
C ASN J 52 9.18 3.99 0.38
N ASN J 53 9.76 2.88 -0.07
CA ASN J 53 10.62 2.08 0.80
C ASN J 53 9.95 1.82 2.15
N GLU J 54 8.63 1.88 2.17
CA GLU J 54 7.86 1.69 3.39
C GLU J 54 8.00 2.90 4.30
N GLU J 55 8.49 4.00 3.76
CA GLU J 55 8.68 5.23 4.54
C GLU J 55 7.78 6.32 3.94
N LEU J 56 7.35 7.29 4.73
CA LEU J 56 6.41 8.27 4.18
C LEU J 56 7.08 9.59 3.77
N SER J 57 6.74 10.07 2.58
CA SER J 57 7.37 11.23 1.99
C SER J 57 6.33 12.07 1.26
N GLU J 58 6.63 13.35 1.06
CA GLU J 58 5.73 14.22 0.30
C GLU J 58 6.45 14.90 -0.85
N SER J 59 5.65 15.46 -1.77
CA SER J 59 6.13 16.12 -2.96
C SER J 59 5.26 17.34 -3.20
N GLU J 60 5.86 18.37 -3.76
CA GLU J 60 5.19 19.62 -3.98
C GLU J 60 5.24 19.88 -5.46
N ARG J 61 4.26 20.60 -5.97
CA ARG J 61 4.26 20.97 -7.38
C ARG J 61 3.54 22.29 -7.59
N ARG J 62 4.27 23.27 -8.12
CA ARG J 62 3.79 24.64 -8.18
C ARG J 62 3.27 24.96 -9.58
N SER J 63 2.08 25.52 -9.65
CA SER J 63 1.50 25.85 -10.94
C SER J 63 0.77 27.19 -10.98
N GLU J 64 0.94 27.85 -12.12
CA GLU J 64 0.53 29.22 -12.39
C GLU J 64 -1.00 29.39 -12.39
N MET J 65 -1.65 28.65 -13.30
CA MET J 65 -3.10 28.58 -13.46
C MET J 65 -3.45 27.10 -13.55
N VAL J 66 -4.33 26.60 -12.70
CA VAL J 66 -4.77 25.18 -12.84
C VAL J 66 -6.29 24.93 -12.74
N PHE J 67 -6.85 24.26 -13.74
CA PHE J 67 -8.21 23.75 -13.65
C PHE J 67 -8.18 22.42 -12.92
N ILE J 68 -9.16 22.19 -12.07
CA ILE J 68 -9.25 20.93 -11.33
C ILE J 68 -10.64 20.31 -11.49
N ARG J 69 -10.71 19.10 -12.03
CA ARG J 69 -11.93 18.34 -12.03
C ARG J 69 -12.48 18.12 -10.63
N GLY J 70 -13.76 18.44 -10.50
CA GLY J 70 -14.48 18.34 -9.26
C GLY J 70 -14.73 16.97 -8.70
N ASP J 71 -14.65 15.92 -9.50
CA ASP J 71 -15.16 14.64 -9.03
C ASP J 71 -14.31 13.94 -7.96
N THR J 72 -13.15 14.50 -7.67
CA THR J 72 -12.26 13.93 -6.64
C THR J 72 -12.02 14.85 -5.47
N VAL J 73 -12.58 16.04 -5.55
CA VAL J 73 -12.64 16.97 -4.44
C VAL J 73 -13.42 16.34 -3.31
N THR J 74 -12.93 16.51 -2.11
CA THR J 74 -13.63 16.03 -0.94
C THR J 74 -13.97 17.22 -0.02
N LEU J 75 -13.00 18.11 0.24
CA LEU J 75 -13.31 19.33 0.97
C LEU J 75 -12.67 20.63 0.47
N ILE J 76 -13.32 21.73 0.80
CA ILE J 76 -12.78 23.05 0.54
C ILE J 76 -12.79 23.96 1.78
N SER J 77 -11.62 24.50 2.14
CA SER J 77 -11.53 25.44 3.25
C SER J 77 -10.42 26.48 3.09
N THR J 78 -10.10 27.20 4.16
CA THR J 78 -9.05 28.20 4.11
C THR J 78 -7.85 27.85 4.96
N PRO J 79 -6.64 28.07 4.42
CA PRO J 79 -5.41 27.83 5.16
C PRO J 79 -5.14 28.97 6.15
N VAL K 11 -38.73 12.47 5.68
CA VAL K 11 -38.64 13.72 6.43
C VAL K 11 -37.27 14.37 6.23
N THR K 12 -36.68 14.21 5.04
CA THR K 12 -35.29 14.60 4.86
C THR K 12 -35.13 16.11 4.77
N THR K 13 -36.05 16.77 4.08
CA THR K 13 -36.05 18.23 4.01
C THR K 13 -36.37 18.82 5.38
N GLU K 14 -36.94 18.00 6.25
CA GLU K 14 -37.22 18.40 7.62
C GLU K 14 -35.98 18.25 8.52
N PHE K 15 -35.24 17.16 8.34
CA PHE K 15 -33.93 16.98 8.98
C PHE K 15 -32.99 18.10 8.52
N LEU K 16 -33.00 18.38 7.23
CA LEU K 16 -32.16 19.46 6.70
C LEU K 16 -32.41 20.82 7.36
N SER K 17 -33.63 21.04 7.86
CA SER K 17 -33.99 22.31 8.47
C SER K 17 -33.93 22.24 9.99
N ASP K 18 -34.13 21.04 10.52
CA ASP K 18 -34.15 20.84 11.97
C ASP K 18 -32.75 20.58 12.52
N ILE K 19 -31.77 20.46 11.63
CA ILE K 19 -30.40 20.16 12.04
C ILE K 19 -29.51 21.38 12.04
N ILE K 20 -29.78 22.33 11.14
CA ILE K 20 -28.97 23.53 11.03
C ILE K 20 -28.66 24.14 12.41
N GLY K 21 -27.38 24.37 12.66
CA GLY K 21 -26.94 24.94 13.92
C GLY K 21 -26.54 23.89 14.94
N LYS K 22 -26.91 22.64 14.67
CA LYS K 22 -26.60 21.55 15.58
C LYS K 22 -25.21 21.01 15.28
N THR K 23 -24.57 20.40 16.28
CA THR K 23 -23.24 19.83 16.10
C THR K 23 -23.38 18.46 15.43
N VAL K 24 -22.66 18.24 14.32
CA VAL K 24 -22.75 16.96 13.64
C VAL K 24 -21.42 16.21 13.50
N ASN K 25 -21.54 14.93 13.17
CA ASN K 25 -20.43 14.12 12.67
C ASN K 25 -20.72 13.78 11.21
N VAL K 26 -20.01 14.39 10.28
CA VAL K 26 -20.21 14.09 8.88
C VAL K 26 -19.18 13.11 8.31
N LYS K 27 -19.64 11.92 7.96
CA LYS K 27 -18.75 10.87 7.44
C LYS K 27 -18.58 10.83 5.94
N LEU K 28 -17.32 10.80 5.53
CA LEU K 28 -16.94 10.67 4.14
C LEU K 28 -16.65 9.21 3.74
N ALA K 29 -16.72 8.95 2.44
CA ALA K 29 -16.61 7.59 1.86
C ALA K 29 -15.30 6.94 2.22
N SER K 30 -14.29 7.80 2.44
CA SER K 30 -12.94 7.41 2.82
C SER K 30 -12.86 6.90 4.25
N GLY K 31 -13.90 7.23 5.03
CA GLY K 31 -13.93 6.91 6.45
C GLY K 31 -13.49 8.12 7.27
N LEU K 32 -13.05 9.19 6.60
CA LEU K 32 -12.79 10.41 7.36
C LEU K 32 -14.06 10.98 7.95
N LEU K 33 -13.93 11.45 9.18
CA LEU K 33 -15.05 11.92 9.97
C LEU K 33 -14.87 13.40 10.33
N TYR K 34 -15.84 14.25 9.98
CA TYR K 34 -15.76 15.65 10.35
C TYR K 34 -16.80 16.06 11.39
N SER K 35 -16.35 16.64 12.49
CA SER K 35 -17.22 17.15 13.55
C SER K 35 -17.29 18.68 13.53
N GLY K 36 -18.49 19.23 13.60
CA GLY K 36 -18.65 20.67 13.59
C GLY K 36 -20.10 21.16 13.69
N ARG K 37 -20.27 22.48 13.82
CA ARG K 37 -21.60 23.07 13.84
C ARG K 37 -22.09 23.27 12.41
N LEU K 38 -23.27 22.74 12.10
CA LEU K 38 -23.79 22.80 10.75
C LEU K 38 -24.26 24.21 10.37
N GLU K 39 -23.48 24.89 9.53
CA GLU K 39 -23.88 26.20 9.04
C GLU K 39 -24.88 26.13 7.89
N SER K 40 -24.70 25.13 7.02
CA SER K 40 -25.43 25.13 5.76
C SER K 40 -25.46 23.75 5.11
N ILE K 41 -26.54 23.45 4.39
CA ILE K 41 -26.71 22.14 3.77
C ILE K 41 -27.80 22.12 2.68
N ASP K 42 -27.52 21.42 1.59
CA ASP K 42 -28.52 21.30 0.55
C ASP K 42 -28.85 19.85 0.23
N GLY K 43 -29.64 19.66 -0.83
CA GLY K 43 -30.26 18.39 -1.15
C GLY K 43 -29.30 17.36 -1.69
N PHE K 44 -28.23 17.86 -2.31
CA PHE K 44 -27.13 17.01 -2.80
C PHE K 44 -26.30 16.49 -1.67
N MET K 45 -26.55 17.05 -0.50
CA MET K 45 -25.79 16.81 0.72
C MET K 45 -24.41 17.43 0.73
N ASN K 46 -24.25 18.52 -0.01
CA ASN K 46 -23.11 19.38 0.21
C ASN K 46 -23.28 20.00 1.55
N VAL K 47 -22.26 19.94 2.38
CA VAL K 47 -22.37 20.55 3.70
C VAL K 47 -21.34 21.63 4.00
N ALA K 48 -21.73 22.58 4.83
CA ALA K 48 -20.83 23.57 5.39
C ALA K 48 -20.80 23.41 6.90
N LEU K 49 -19.60 23.49 7.47
CA LEU K 49 -19.43 23.41 8.92
C LEU K 49 -18.51 24.51 9.43
N SER K 50 -18.50 24.70 10.74
CA SER K 50 -17.62 25.69 11.38
C SER K 50 -16.92 25.06 12.57
N SER K 51 -15.74 25.56 12.91
CA SER K 51 -14.95 24.97 13.99
C SER K 51 -14.90 23.46 13.80
N ALA K 52 -14.49 23.05 12.60
CA ALA K 52 -14.54 21.66 12.20
C ALA K 52 -13.24 20.90 12.46
N THR K 53 -13.35 19.71 13.02
CA THR K 53 -12.18 18.91 13.29
C THR K 53 -12.21 17.63 12.45
N GLU K 54 -11.07 17.15 11.98
CA GLU K 54 -11.08 15.87 11.28
C GLU K 54 -10.47 14.75 12.08
N HIS K 55 -11.09 13.59 11.93
CA HIS K 55 -10.68 12.40 12.61
C HIS K 55 -10.74 11.27 11.64
N TYR K 56 -10.05 10.20 11.98
CA TYR K 56 -10.27 9.04 11.21
C TYR K 56 -11.21 8.17 11.97
N GLU K 57 -12.38 8.00 11.36
CA GLU K 57 -13.38 7.01 11.72
C GLU K 57 -14.19 7.22 13.00
N SER K 58 -13.60 7.88 13.98
CA SER K 58 -14.29 8.14 15.24
C SER K 58 -13.77 9.42 15.90
N ASN K 59 -14.58 9.98 16.79
CA ASN K 59 -14.19 11.18 17.52
C ASN K 59 -13.16 10.85 18.60
N ASN K 60 -13.37 9.73 19.27
CA ASN K 60 -12.47 9.28 20.33
C ASN K 60 -11.09 8.96 19.76
N ASN K 61 -10.91 9.19 18.46
CA ASN K 61 -9.63 8.91 17.81
C ASN K 61 -8.77 10.16 17.68
N LYS K 62 -7.54 9.98 17.20
CA LYS K 62 -6.60 11.07 17.08
C LYS K 62 -7.09 12.16 16.13
N LEU K 63 -7.07 13.39 16.62
CA LEU K 63 -7.44 14.56 15.84
C LEU K 63 -6.38 14.82 14.76
N LEU K 64 -6.81 14.82 13.50
CA LEU K 64 -5.89 14.93 12.39
C LEU K 64 -5.75 16.38 11.95
N ASN K 65 -6.73 17.20 12.29
CA ASN K 65 -6.79 18.58 11.80
C ASN K 65 -7.88 19.38 12.49
N LYS K 66 -7.62 20.67 12.64
CA LYS K 66 -8.60 21.64 13.07
C LYS K 66 -8.65 22.67 11.95
N PHE K 67 -9.86 23.05 11.54
CA PHE K 67 -10.02 24.02 10.47
C PHE K 67 -10.53 25.36 11.01
N ASN K 68 -9.70 26.39 10.89
CA ASN K 68 -10.04 27.71 11.37
C ASN K 68 -11.39 28.16 10.81
N SER K 69 -11.39 28.60 9.56
CA SER K 69 -12.61 29.06 8.92
C SER K 69 -13.54 27.89 8.60
N ASP K 70 -14.73 28.20 8.09
CA ASP K 70 -15.70 27.18 7.74
C ASP K 70 -15.09 26.14 6.80
N VAL K 71 -15.80 25.03 6.62
CA VAL K 71 -15.31 23.95 5.77
C VAL K 71 -16.42 23.38 4.88
N PHE K 72 -16.13 23.24 3.60
CA PHE K 72 -17.11 22.71 2.65
C PHE K 72 -16.90 21.21 2.36
N LEU K 73 -17.95 20.42 2.56
CA LEU K 73 -17.93 18.97 2.38
C LEU K 73 -18.83 18.55 1.24
N ARG K 74 -18.22 17.92 0.24
CA ARG K 74 -18.83 17.62 -1.05
C ARG K 74 -19.80 16.44 -1.02
N GLY K 75 -21.04 16.71 -1.42
CA GLY K 75 -22.17 15.81 -1.27
C GLY K 75 -22.01 14.40 -1.81
N THR K 76 -21.31 14.28 -2.94
CA THR K 76 -21.10 12.96 -3.52
C THR K 76 -20.17 12.09 -2.65
N GLN K 77 -19.53 12.70 -1.66
CA GLN K 77 -18.53 12.09 -0.81
C GLN K 77 -18.99 11.69 0.57
N VAL K 78 -20.15 12.20 0.97
CA VAL K 78 -20.59 12.07 2.34
C VAL K 78 -21.42 10.80 2.40
N MET K 79 -21.18 9.95 3.39
CA MET K 79 -21.98 8.74 3.50
C MET K 79 -23.09 9.00 4.46
N TYR K 80 -22.81 9.88 5.42
CA TYR K 80 -23.81 10.24 6.39
C TYR K 80 -23.59 11.59 7.08
N ILE K 81 -24.67 12.08 7.68
CA ILE K 81 -24.66 13.24 8.56
C ILE K 81 -25.43 12.96 9.84
N SER K 82 -24.69 12.85 10.93
CA SER K 82 -25.20 12.33 12.16
C SER K 82 -25.09 13.47 13.14
N GLU K 83 -26.00 13.51 14.10
CA GLU K 83 -26.02 14.58 15.08
C GLU K 83 -25.40 14.14 16.39
N GLN K 84 -24.51 14.98 16.92
CA GLN K 84 -23.78 14.68 18.15
C GLN K 84 -24.46 15.32 19.35
N PRO L 4 -51.97 -8.43 -6.31
CA PRO L 4 -51.48 -8.98 -5.04
C PRO L 4 -49.96 -8.96 -4.94
N GLU L 5 -49.33 -7.93 -5.49
CA GLU L 5 -47.87 -7.80 -5.39
C GLU L 5 -47.48 -6.89 -4.23
N ILE L 6 -46.35 -7.19 -3.58
CA ILE L 6 -45.82 -6.35 -2.51
C ILE L 6 -44.68 -5.45 -3.01
N LEU L 7 -44.78 -4.15 -2.74
CA LEU L 7 -43.79 -3.20 -3.20
C LEU L 7 -42.69 -2.90 -2.17
N PRO L 8 -41.42 -2.92 -2.62
CA PRO L 8 -40.25 -2.60 -1.79
C PRO L 8 -40.41 -1.41 -0.86
N LEU L 9 -40.92 -0.28 -1.34
CA LEU L 9 -40.96 0.90 -0.48
C LEU L 9 -42.07 0.81 0.54
N GLU L 10 -43.01 -0.10 0.30
CA GLU L 10 -44.07 -0.34 1.25
C GLU L 10 -43.55 -1.16 2.42
N VAL L 11 -42.55 -2.00 2.16
CA VAL L 11 -41.92 -2.78 3.22
C VAL L 11 -41.07 -1.87 4.09
N ILE L 12 -40.40 -0.93 3.43
CA ILE L 12 -39.56 0.01 4.11
C ILE L 12 -40.46 0.89 4.93
N ASP L 13 -41.49 1.43 4.30
CA ASP L 13 -42.50 2.24 4.97
C ASP L 13 -43.10 1.56 6.19
N LYS L 14 -43.33 0.25 6.10
CA LYS L 14 -43.84 -0.55 7.22
C LYS L 14 -42.85 -0.53 8.36
N THR L 15 -41.57 -0.52 8.03
CA THR L 15 -40.51 -0.58 9.02
C THR L 15 -40.38 0.72 9.80
N ILE L 16 -40.85 1.82 9.23
CA ILE L 16 -40.74 3.11 9.89
C ILE L 16 -40.98 2.95 11.39
N ASN L 17 -40.20 3.65 12.20
CA ASN L 17 -40.26 3.56 13.65
C ASN L 17 -40.10 2.16 14.22
N GLN L 18 -39.28 1.35 13.56
CA GLN L 18 -38.96 0.00 14.02
C GLN L 18 -37.45 -0.21 13.85
N LYS L 19 -36.94 -1.32 14.37
CA LYS L 19 -35.52 -1.62 14.25
C LYS L 19 -35.18 -2.04 12.83
N VAL L 20 -34.02 -1.61 12.34
CA VAL L 20 -33.62 -1.88 10.97
C VAL L 20 -32.11 -2.01 10.82
N LEU L 21 -31.71 -2.92 9.95
CA LEU L 21 -30.32 -3.07 9.60
C LEU L 21 -30.06 -2.56 8.18
N ILE L 22 -29.14 -1.61 8.08
CA ILE L 22 -28.78 -1.03 6.80
C ILE L 22 -27.39 -1.51 6.46
N VAL L 23 -27.25 -2.14 5.32
CA VAL L 23 -25.95 -2.59 4.89
C VAL L 23 -25.58 -1.83 3.64
N LEU L 24 -24.28 -1.54 3.51
CA LEU L 24 -23.76 -0.79 2.40
C LEU L 24 -23.04 -1.67 1.40
N GLN L 25 -22.67 -1.10 0.26
CA GLN L 25 -21.84 -1.80 -0.71
C GLN L 25 -20.57 -2.25 -0.03
N SER L 26 -20.11 -1.45 0.92
CA SER L 26 -18.83 -1.68 1.59
C SER L 26 -19.02 -2.65 2.75
N ASN L 27 -17.97 -2.88 3.52
CA ASN L 27 -18.08 -3.79 4.65
C ASN L 27 -18.70 -3.14 5.88
N ARG L 28 -19.60 -2.18 5.67
CA ARG L 28 -20.13 -1.40 6.77
C ARG L 28 -21.63 -1.47 6.88
N GLU L 29 -22.11 -1.55 8.13
CA GLU L 29 -23.53 -1.58 8.38
C GLU L 29 -23.95 -0.81 9.62
N PHE L 30 -25.22 -0.43 9.65
CA PHE L 30 -25.79 0.42 10.71
C PHE L 30 -27.07 -0.21 11.23
N GLU L 31 -27.20 -0.29 12.55
CA GLU L 31 -28.46 -0.69 13.13
C GLU L 31 -29.06 0.41 13.97
N GLY L 32 -30.34 0.69 13.72
CA GLY L 32 -31.00 1.79 14.39
C GLY L 32 -32.48 1.74 14.10
N THR L 33 -33.16 2.82 14.46
CA THR L 33 -34.60 2.87 14.28
C THR L 33 -34.94 3.79 13.10
N LEU L 34 -35.74 3.26 12.18
CA LEU L 34 -36.06 3.97 10.96
C LEU L 34 -37.03 5.09 11.28
N VAL L 35 -36.71 6.30 10.83
CA VAL L 35 -37.54 7.46 11.14
C VAL L 35 -38.13 8.04 9.85
N GLY L 36 -37.46 7.78 8.73
CA GLY L 36 -37.88 8.29 7.44
C GLY L 36 -37.03 7.72 6.31
N PHE L 37 -37.53 7.83 5.08
CA PHE L 37 -36.75 7.58 3.89
C PHE L 37 -37.29 8.53 2.82
N ASP L 38 -36.91 8.34 1.56
CA ASP L 38 -37.50 9.15 0.49
C ASP L 38 -37.43 8.49 -0.87
N ASP L 39 -37.58 9.32 -1.91
CA ASP L 39 -37.64 8.86 -3.29
C ASP L 39 -36.24 8.57 -3.84
N PHE L 40 -35.23 8.76 -2.99
CA PHE L 40 -33.84 8.51 -3.32
C PHE L 40 -33.38 7.39 -2.40
N VAL L 41 -34.29 7.05 -1.49
CA VAL L 41 -34.04 6.12 -0.38
C VAL L 41 -32.90 6.55 0.54
N ASN L 42 -32.84 7.84 0.84
CA ASN L 42 -31.98 8.31 1.91
C ASN L 42 -32.72 8.08 3.20
N VAL L 43 -32.03 7.50 4.17
CA VAL L 43 -32.70 6.98 5.35
C VAL L 43 -32.39 7.83 6.60
N ILE L 44 -33.34 7.97 7.52
CA ILE L 44 -33.04 8.63 8.79
C ILE L 44 -32.98 7.57 9.87
N LEU L 45 -31.94 7.62 10.69
CA LEU L 45 -31.76 6.62 11.74
C LEU L 45 -31.65 7.29 13.10
N GLU L 46 -32.32 6.73 14.10
CA GLU L 46 -32.16 7.19 15.49
C GLU L 46 -31.25 6.24 16.29
N ASP L 47 -30.26 6.83 16.95
CA ASP L 47 -29.30 6.11 17.82
C ASP L 47 -28.64 4.88 17.19
N ALA L 48 -27.91 5.09 16.10
CA ALA L 48 -27.50 4.00 15.21
C ALA L 48 -26.18 3.36 15.61
N VAL L 49 -26.10 2.05 15.54
CA VAL L 49 -24.84 1.40 15.87
C VAL L 49 -24.08 1.09 14.59
N GLU L 50 -22.91 1.71 14.44
CA GLU L 50 -22.16 1.64 13.20
C GLU L 50 -21.04 0.63 13.28
N TRP L 51 -21.05 -0.34 12.38
CA TRP L 51 -20.16 -1.50 12.42
C TRP L 51 -19.30 -1.60 11.19
N LEU L 52 -18.04 -1.94 11.37
CA LEU L 52 -17.25 -2.47 10.27
C LEU L 52 -17.20 -3.97 10.46
N ILE L 53 -17.66 -4.73 9.47
CA ILE L 53 -17.73 -6.19 9.56
C ILE L 53 -16.70 -6.87 8.67
N ASP L 54 -16.30 -8.09 9.06
CA ASP L 54 -15.41 -8.93 8.27
C ASP L 54 -14.00 -8.34 8.07
N ASN L 61 -15.49 -8.76 13.34
CA ASN L 61 -16.33 -7.57 13.36
C ASN L 61 -15.86 -6.56 14.40
N GLU L 62 -16.11 -5.28 14.12
CA GLU L 62 -15.73 -4.22 15.04
C GLU L 62 -16.71 -3.04 14.97
N LYS L 63 -17.18 -2.61 16.13
CA LYS L 63 -18.15 -1.53 16.22
C LYS L 63 -17.48 -0.16 16.18
N VAL L 64 -17.82 0.67 15.19
CA VAL L 64 -17.10 1.92 15.00
C VAL L 64 -17.50 2.98 16.01
N MET L 65 -18.81 3.08 16.23
CA MET L 65 -19.35 3.87 17.36
C MET L 65 -20.84 3.75 17.60
N GLN L 66 -21.26 4.36 18.71
CA GLN L 66 -22.66 4.46 19.10
C GLN L 66 -23.08 5.89 18.89
N HIS L 67 -24.03 6.10 17.99
CA HIS L 67 -24.55 7.44 17.72
C HIS L 67 -25.74 7.73 18.62
N HIS L 68 -25.91 9.01 18.93
CA HIS L 68 -26.99 9.48 19.79
C HIS L 68 -27.69 10.65 19.14
N GLY L 69 -28.90 10.43 18.61
CA GLY L 69 -29.62 11.48 17.91
C GLY L 69 -30.21 10.96 16.61
N ARG L 70 -30.22 11.81 15.58
CA ARG L 70 -30.71 11.41 14.27
C ARG L 70 -29.62 11.53 13.20
N MET L 71 -29.34 10.44 12.51
CA MET L 71 -28.36 10.46 11.43
C MET L 71 -29.03 10.43 10.06
N LEU L 72 -28.57 11.26 9.13
CA LEU L 72 -29.00 11.12 7.75
C LEU L 72 -28.05 10.19 6.96
N LEU L 73 -28.43 8.92 6.83
CA LEU L 73 -27.65 7.98 6.02
C LEU L 73 -27.94 8.07 4.49
N SER L 74 -26.98 8.64 3.77
CA SER L 74 -27.02 8.73 2.31
C SER L 74 -27.38 7.41 1.62
N GLY L 75 -28.30 7.49 0.68
CA GLY L 75 -28.78 6.33 -0.03
C GLY L 75 -27.90 5.82 -1.17
N ASN L 76 -26.91 6.61 -1.58
CA ASN L 76 -25.95 6.20 -2.60
C ASN L 76 -25.32 4.86 -2.33
N ASN L 77 -25.11 4.54 -1.06
CA ASN L 77 -24.24 3.43 -0.75
C ASN L 77 -24.97 2.26 -0.09
N ILE L 78 -26.27 2.44 0.10
CA ILE L 78 -27.11 1.47 0.75
C ILE L 78 -27.41 0.31 -0.21
N ALA L 79 -27.07 -0.92 0.18
CA ALA L 79 -27.27 -2.03 -0.71
C ALA L 79 -28.53 -2.77 -0.31
N ILE L 80 -28.66 -2.99 0.98
CA ILE L 80 -29.70 -3.86 1.50
C ILE L 80 -30.29 -3.32 2.79
N LEU L 81 -31.61 -3.33 2.91
CA LEU L 81 -32.26 -3.01 4.18
C LEU L 81 -32.90 -4.23 4.84
N VAL L 82 -32.65 -4.42 6.14
CA VAL L 82 -33.24 -5.56 6.85
C VAL L 82 -34.08 -5.13 8.06
N PRO L 83 -35.42 -5.32 7.99
CA PRO L 83 -36.33 -5.06 9.12
C PRO L 83 -35.99 -5.95 10.30
N GLY L 84 -35.55 -5.36 11.41
CA GLY L 84 -34.99 -6.09 12.52
C GLY L 84 -33.53 -5.74 12.75
N ILE M 27 -37.44 -5.16 -19.59
CA ILE M 27 -37.02 -6.22 -20.49
C ILE M 27 -36.93 -7.58 -19.79
N LEU M 28 -36.93 -7.54 -18.46
CA LEU M 28 -36.93 -8.74 -17.67
C LEU M 28 -38.23 -8.73 -16.89
N ASP M 29 -38.95 -9.84 -16.92
CA ASP M 29 -40.26 -9.91 -16.31
C ASP M 29 -40.14 -10.47 -14.92
N LEU M 30 -40.38 -9.64 -13.93
CA LEU M 30 -40.14 -10.07 -12.57
C LEU M 30 -41.21 -11.04 -12.08
N ALA M 31 -42.40 -10.94 -12.67
CA ALA M 31 -43.53 -11.81 -12.35
C ALA M 31 -43.21 -13.32 -12.38
N LYS M 32 -42.53 -13.79 -13.43
CA LYS M 32 -42.16 -15.21 -13.52
C LYS M 32 -41.23 -15.67 -12.42
N TYR M 33 -40.41 -14.77 -11.91
CA TYR M 33 -39.37 -15.16 -10.96
C TYR M 33 -39.90 -15.17 -9.56
N LYS M 34 -41.01 -14.44 -9.38
CA LYS M 34 -41.67 -14.34 -8.08
C LYS M 34 -42.01 -15.70 -7.47
N ASP M 35 -41.68 -15.83 -6.19
CA ASP M 35 -41.88 -17.06 -5.41
C ASP M 35 -40.80 -18.10 -5.69
N SER M 36 -39.84 -17.75 -6.52
CA SER M 36 -38.75 -18.65 -6.85
C SER M 36 -37.42 -18.18 -6.23
N LYS M 37 -36.49 -19.10 -6.02
CA LYS M 37 -35.14 -18.77 -5.53
C LYS M 37 -34.31 -18.07 -6.60
N ILE M 38 -34.01 -16.78 -6.41
CA ILE M 38 -33.15 -16.04 -7.35
C ILE M 38 -31.77 -15.63 -6.77
N ARG M 39 -30.83 -15.42 -7.68
CA ARG M 39 -29.45 -15.14 -7.30
C ARG M 39 -29.11 -13.75 -7.83
N VAL M 40 -28.82 -12.85 -6.90
CA VAL M 40 -28.69 -11.44 -7.21
C VAL M 40 -27.34 -10.87 -6.77
N LYS M 41 -26.53 -10.49 -7.75
CA LYS M 41 -25.18 -9.98 -7.49
C LYS M 41 -25.12 -8.46 -7.37
N LEU M 42 -24.35 -7.95 -6.41
CA LEU M 42 -24.41 -6.51 -6.16
C LEU M 42 -23.08 -5.80 -6.34
N MET M 43 -23.16 -4.56 -6.83
CA MET M 43 -22.03 -3.65 -6.85
C MET M 43 -21.36 -3.70 -5.48
N GLY M 44 -20.05 -3.94 -5.46
CA GLY M 44 -19.32 -4.07 -4.20
C GLY M 44 -18.90 -5.48 -3.83
N GLY M 45 -19.18 -6.48 -4.68
CA GLY M 45 -18.79 -7.85 -4.40
C GLY M 45 -19.86 -8.71 -3.75
N LYS M 46 -20.83 -8.04 -3.13
CA LYS M 46 -21.95 -8.73 -2.47
C LYS M 46 -22.76 -9.71 -3.35
N LEU M 47 -23.11 -10.85 -2.76
CA LEU M 47 -23.99 -11.82 -3.41
C LEU M 47 -25.13 -12.20 -2.46
N VAL M 48 -26.33 -12.31 -3.01
CA VAL M 48 -27.51 -12.47 -2.22
C VAL M 48 -28.41 -13.46 -2.92
N ILE M 49 -28.89 -14.46 -2.19
CA ILE M 49 -29.83 -15.41 -2.76
C ILE M 49 -31.10 -15.43 -1.93
N GLY M 50 -32.24 -15.29 -2.58
CA GLY M 50 -33.49 -15.34 -1.84
C GLY M 50 -34.67 -15.65 -2.69
N VAL M 51 -35.83 -15.61 -2.05
CA VAL M 51 -37.09 -15.86 -2.72
C VAL M 51 -37.77 -14.52 -3.03
N LEU M 52 -38.05 -14.29 -4.31
CA LEU M 52 -38.66 -13.05 -4.76
C LEU M 52 -40.13 -12.87 -4.31
N LYS M 53 -40.36 -11.87 -3.47
CA LYS M 53 -41.68 -11.62 -2.92
C LYS M 53 -42.23 -10.26 -3.36
N GLY M 54 -41.51 -9.60 -4.27
CA GLY M 54 -41.90 -8.26 -4.67
C GLY M 54 -40.86 -7.46 -5.43
N TYR M 55 -41.33 -6.40 -6.10
CA TYR M 55 -40.47 -5.59 -6.94
C TYR M 55 -41.16 -4.30 -7.37
N ASP M 56 -40.41 -3.42 -8.01
CA ASP M 56 -40.96 -2.23 -8.61
C ASP M 56 -40.20 -1.94 -9.89
N GLN M 57 -40.61 -0.90 -10.60
CA GLN M 57 -40.03 -0.53 -11.88
C GLN M 57 -38.52 -0.28 -11.86
N LEU M 58 -37.96 0.12 -10.71
CA LEU M 58 -36.55 0.48 -10.67
C LEU M 58 -35.65 -0.69 -10.26
N MET M 59 -36.24 -1.88 -10.21
CA MET M 59 -35.57 -3.14 -9.80
C MET M 59 -35.29 -3.26 -8.30
N ASN M 60 -35.93 -2.44 -7.49
CA ASN M 60 -35.95 -2.69 -6.06
C ASN M 60 -36.57 -4.06 -5.84
N LEU M 61 -36.02 -4.86 -4.94
CA LEU M 61 -36.49 -6.24 -4.76
C LEU M 61 -36.88 -6.51 -3.32
N VAL M 62 -37.85 -7.40 -3.12
CA VAL M 62 -38.16 -7.85 -1.77
C VAL M 62 -37.86 -9.33 -1.63
N LEU M 63 -36.93 -9.68 -0.74
CA LEU M 63 -36.47 -11.06 -0.68
C LEU M 63 -36.74 -11.71 0.68
N ASP M 64 -37.16 -12.97 0.66
CA ASP M 64 -37.32 -13.72 1.89
C ASP M 64 -36.35 -14.89 1.85
N ASP M 65 -36.09 -15.49 3.02
CA ASP M 65 -35.07 -16.54 3.16
C ASP M 65 -33.75 -16.11 2.53
N THR M 66 -33.39 -14.86 2.82
CA THR M 66 -32.24 -14.20 2.21
C THR M 66 -30.91 -14.66 2.78
N VAL M 67 -30.02 -15.10 1.90
CA VAL M 67 -28.69 -15.48 2.34
C VAL M 67 -27.65 -14.60 1.66
N GLU M 68 -26.85 -13.93 2.48
CA GLU M 68 -25.80 -13.04 1.99
C GLU M 68 -24.47 -13.78 1.97
N TYR M 69 -23.95 -14.02 0.79
CA TYR M 69 -22.60 -14.54 0.64
C TYR M 69 -21.64 -13.35 0.46
N MET M 70 -20.53 -13.37 1.20
CA MET M 70 -19.61 -12.22 1.20
C MET M 70 -18.18 -12.64 0.86
N ASN M 85 -18.00 -17.03 4.32
CA ASN M 85 -19.20 -17.53 4.99
C ASN M 85 -20.46 -16.83 4.46
N ALA M 86 -21.60 -17.13 5.07
CA ALA M 86 -22.88 -16.64 4.60
C ALA M 86 -23.79 -16.39 5.78
N ARG M 87 -24.49 -15.27 5.76
CA ARG M 87 -25.36 -14.91 6.87
C ARG M 87 -26.82 -14.99 6.46
N LYS M 88 -27.66 -15.36 7.43
CA LYS M 88 -29.09 -15.51 7.19
C LYS M 88 -29.87 -14.26 7.56
N LEU M 89 -30.11 -13.39 6.57
CA LEU M 89 -30.90 -12.18 6.77
C LEU M 89 -32.32 -12.48 6.36
N GLY M 90 -33.31 -12.07 7.16
CA GLY M 90 -34.67 -12.52 6.91
C GLY M 90 -35.28 -11.99 5.62
N LEU M 91 -36.29 -11.15 5.81
CA LEU M 91 -36.89 -10.42 4.73
C LEU M 91 -36.00 -9.19 4.51
N THR M 92 -35.41 -9.07 3.32
CA THR M 92 -34.54 -7.95 2.97
C THR M 92 -35.05 -7.09 1.80
N VAL M 93 -34.81 -5.80 1.81
CA VAL M 93 -34.98 -5.05 0.57
C VAL M 93 -33.64 -4.87 -0.12
N ILE M 94 -33.60 -5.19 -1.40
CA ILE M 94 -32.40 -4.98 -2.16
C ILE M 94 -32.65 -3.76 -3.04
N ARG M 95 -31.74 -2.81 -3.04
CA ARG M 95 -31.94 -1.63 -3.83
C ARG M 95 -31.55 -1.81 -5.28
N GLY M 96 -32.48 -1.47 -6.17
CA GLY M 96 -32.31 -1.50 -7.63
C GLY M 96 -31.04 -0.86 -8.22
N THR M 97 -30.73 0.38 -7.83
CA THR M 97 -29.47 1.10 -8.15
C THR M 97 -28.13 0.33 -8.02
N ILE M 98 -28.08 -0.58 -7.05
CA ILE M 98 -26.86 -1.29 -6.70
C ILE M 98 -26.86 -2.69 -7.32
N LEU M 99 -27.98 -3.03 -7.93
CA LEU M 99 -28.14 -4.33 -8.56
C LEU M 99 -27.33 -4.39 -9.83
N VAL M 100 -26.74 -5.55 -10.09
CA VAL M 100 -25.76 -5.71 -11.16
C VAL M 100 -26.13 -6.86 -12.10
N SER M 101 -26.74 -7.88 -11.53
CA SER M 101 -27.07 -9.06 -12.30
C SER M 101 -28.13 -9.86 -11.58
N LEU M 102 -28.93 -10.60 -12.34
CA LEU M 102 -30.02 -11.37 -11.75
C LEU M 102 -30.42 -12.58 -12.59
N SER M 103 -30.49 -13.73 -11.92
CA SER M 103 -30.80 -15.01 -12.55
C SER M 103 -31.59 -15.86 -11.57
N SER M 104 -31.71 -17.16 -11.84
CA SER M 104 -32.44 -18.05 -10.94
C SER M 104 -31.50 -18.92 -10.09
N ALA M 105 -32.04 -19.62 -9.09
CA ALA M 105 -31.28 -20.57 -8.28
C ALA M 105 -30.35 -21.47 -9.10
N MET N 1 -22.19 2.10 -37.43
CA MET N 1 -23.33 2.81 -36.86
C MET N 1 -23.28 2.78 -35.32
N LEU N 2 -24.27 3.41 -34.71
CA LEU N 2 -24.41 3.50 -33.25
C LEU N 2 -24.28 2.15 -32.54
N PRO N 3 -23.57 2.13 -31.40
CA PRO N 3 -23.41 0.89 -30.63
C PRO N 3 -24.76 0.33 -30.18
N LEU N 4 -25.65 1.22 -29.75
CA LEU N 4 -26.94 0.76 -29.26
C LEU N 4 -27.80 0.14 -30.36
N TYR N 5 -27.84 0.80 -31.53
CA TYR N 5 -28.50 0.27 -32.72
C TYR N 5 -27.96 -1.10 -33.08
N LEU N 6 -26.63 -1.22 -33.15
CA LEU N 6 -26.02 -2.51 -33.50
C LEU N 6 -26.41 -3.54 -32.47
N LEU N 7 -26.48 -3.12 -31.20
CA LEU N 7 -26.91 -4.03 -30.16
C LEU N 7 -28.32 -4.57 -30.45
N THR N 8 -29.32 -3.68 -30.45
CA THR N 8 -30.70 -4.10 -30.68
C THR N 8 -30.84 -4.97 -31.95
N ASN N 9 -29.94 -4.77 -32.91
CA ASN N 9 -29.93 -5.58 -34.14
C ASN N 9 -29.01 -6.80 -34.12
N ALA N 10 -28.81 -7.34 -32.93
CA ALA N 10 -27.94 -8.49 -32.73
C ALA N 10 -28.63 -9.50 -31.82
N LYS N 11 -29.88 -9.21 -31.48
CA LYS N 11 -30.75 -10.16 -30.79
C LYS N 11 -30.77 -11.48 -31.53
N GLY N 12 -30.54 -12.57 -30.81
CA GLY N 12 -30.48 -13.86 -31.42
C GLY N 12 -29.06 -14.38 -31.60
N GLN N 13 -28.08 -13.49 -31.50
CA GLN N 13 -26.69 -13.94 -31.64
C GLN N 13 -26.05 -14.27 -30.30
N GLN N 14 -24.99 -15.06 -30.36
CA GLN N 14 -24.17 -15.38 -29.20
C GLN N 14 -23.25 -14.21 -28.98
N MET N 15 -22.87 -14.01 -27.74
CA MET N 15 -21.93 -12.95 -27.42
C MET N 15 -21.35 -13.15 -26.03
N GLN N 16 -20.18 -12.58 -25.85
CA GLN N 16 -19.46 -12.80 -24.62
C GLN N 16 -19.20 -11.45 -23.95
N ILE N 17 -19.57 -11.37 -22.69
CA ILE N 17 -19.65 -10.08 -22.03
C ILE N 17 -18.70 -10.04 -20.87
N GLU N 18 -17.79 -9.08 -20.87
CA GLU N 18 -16.96 -8.94 -19.69
C GLU N 18 -17.52 -7.93 -18.71
N LEU N 19 -17.76 -8.40 -17.50
CA LEU N 19 -18.20 -7.55 -16.39
C LEU N 19 -17.02 -6.76 -15.82
N LYS N 20 -17.35 -5.73 -15.05
CA LYS N 20 -16.34 -4.97 -14.30
C LYS N 20 -15.93 -5.80 -13.07
N ASN N 21 -16.69 -6.86 -12.77
CA ASN N 21 -16.30 -7.93 -11.85
C ASN N 21 -15.00 -8.55 -12.31
N GLY N 22 -14.84 -8.59 -13.63
CA GLY N 22 -13.99 -9.58 -14.27
C GLY N 22 -14.78 -10.77 -14.81
N GLU N 23 -15.93 -11.08 -14.19
CA GLU N 23 -16.73 -12.24 -14.58
C GLU N 23 -17.06 -12.23 -16.09
N ILE N 24 -17.25 -13.41 -16.67
CA ILE N 24 -17.60 -13.48 -18.07
C ILE N 24 -18.99 -14.09 -18.14
N ILE N 25 -19.83 -13.53 -19.00
CA ILE N 25 -21.13 -14.11 -19.25
C ILE N 25 -21.22 -14.29 -20.73
N GLN N 26 -21.43 -15.55 -21.12
CA GLN N 26 -21.60 -15.90 -22.49
C GLN N 26 -23.01 -16.41 -22.57
N GLY N 27 -23.67 -16.12 -23.68
CA GLY N 27 -25.07 -16.48 -23.82
C GLY N 27 -25.62 -15.82 -25.07
N ILE N 28 -26.90 -15.96 -25.35
CA ILE N 28 -27.48 -15.35 -26.56
C ILE N 28 -28.44 -14.24 -26.19
N LEU N 29 -28.32 -13.14 -26.92
CA LEU N 29 -29.02 -11.90 -26.61
C LEU N 29 -30.54 -11.98 -26.91
N THR N 30 -31.36 -11.90 -25.87
CA THR N 30 -32.80 -11.99 -26.03
C THR N 30 -33.48 -10.63 -25.85
N ASN N 31 -32.83 -9.70 -25.16
CA ASN N 31 -33.29 -8.31 -25.12
C ASN N 31 -32.26 -7.28 -24.65
N VAL N 32 -32.56 -6.01 -24.87
CA VAL N 32 -31.70 -4.90 -24.50
C VAL N 32 -32.45 -3.56 -24.46
N ASP N 33 -32.42 -2.89 -23.32
CA ASP N 33 -33.00 -1.55 -23.25
C ASP N 33 -32.00 -0.41 -23.57
N ASN N 34 -32.42 0.83 -23.35
CA ASN N 34 -31.62 1.98 -23.76
C ASN N 34 -30.42 2.26 -22.89
N TRP N 35 -30.43 1.67 -21.71
CA TRP N 35 -29.36 1.89 -20.78
C TRP N 35 -28.24 0.89 -21.00
N MET N 36 -28.46 0.02 -22.00
CA MET N 36 -27.59 -1.13 -22.33
C MET N 36 -27.78 -2.34 -21.35
N ASN N 37 -28.90 -2.36 -20.63
CA ASN N 37 -29.26 -3.51 -19.81
C ASN N 37 -29.71 -4.65 -20.70
N LEU N 38 -29.27 -5.86 -20.34
CA LEU N 38 -29.43 -7.00 -21.23
C LEU N 38 -30.01 -8.17 -20.52
N THR N 39 -30.81 -8.94 -21.25
CA THR N 39 -31.19 -10.28 -20.82
C THR N 39 -30.61 -11.23 -21.87
N LEU N 40 -30.02 -12.31 -21.39
CA LEU N 40 -29.45 -13.35 -22.25
C LEU N 40 -30.11 -14.72 -21.91
N SER N 41 -30.22 -15.61 -22.89
CA SER N 41 -30.64 -17.00 -22.63
C SER N 41 -29.50 -17.92 -23.09
N ASN N 42 -29.52 -19.18 -22.62
CA ASN N 42 -28.42 -20.12 -22.87
C ASN N 42 -27.14 -19.60 -22.25
N VAL N 43 -27.26 -19.22 -20.99
CA VAL N 43 -26.19 -18.53 -20.27
C VAL N 43 -25.20 -19.49 -19.62
N THR N 44 -23.92 -19.19 -19.80
CA THR N 44 -22.86 -19.85 -19.06
C THR N 44 -21.96 -18.78 -18.41
N GLU N 45 -21.86 -18.84 -17.08
CA GLU N 45 -21.23 -17.77 -16.31
C GLU N 45 -19.86 -18.12 -15.71
N TYR N 46 -18.80 -17.64 -16.34
CA TYR N 46 -17.45 -17.86 -15.82
C TYR N 46 -17.00 -16.81 -14.80
N SER N 47 -15.87 -17.06 -14.16
CA SER N 47 -15.33 -16.20 -13.12
C SER N 47 -14.07 -15.46 -13.61
N VAL N 64 -20.79 -22.76 -14.44
CA VAL N 64 -22.15 -22.46 -14.03
C VAL N 64 -23.07 -22.11 -15.22
N LYS N 65 -24.19 -22.79 -15.33
CA LYS N 65 -25.09 -22.55 -16.45
C LYS N 65 -26.41 -22.02 -15.93
N LEU N 66 -27.10 -21.22 -16.74
CA LEU N 66 -28.37 -20.62 -16.36
C LEU N 66 -29.25 -20.50 -17.57
N ASN N 67 -30.56 -20.52 -17.36
CA ASN N 67 -31.51 -20.41 -18.46
C ASN N 67 -31.60 -18.98 -18.97
N GLU N 68 -31.73 -18.05 -18.03
CA GLU N 68 -31.81 -16.61 -18.31
C GLU N 68 -30.95 -15.86 -17.30
N ILE N 69 -30.48 -14.70 -17.71
CA ILE N 69 -29.78 -13.76 -16.83
C ILE N 69 -30.04 -12.31 -17.30
N TYR N 70 -30.13 -11.39 -16.34
CA TYR N 70 -30.28 -9.98 -16.62
C TYR N 70 -29.00 -9.29 -16.20
N ILE N 71 -28.47 -8.40 -17.03
CA ILE N 71 -27.23 -7.68 -16.72
C ILE N 71 -27.40 -6.16 -16.80
N ARG N 72 -26.86 -5.46 -15.81
CA ARG N 72 -26.97 -3.99 -15.76
C ARG N 72 -25.89 -3.29 -16.57
N GLY N 73 -26.33 -2.62 -17.63
CA GLY N 73 -25.48 -1.83 -18.51
C GLY N 73 -24.23 -1.23 -17.88
N THR N 74 -24.40 -0.45 -16.83
CA THR N 74 -23.28 0.13 -16.10
C THR N 74 -22.22 -0.84 -15.58
N PHE N 75 -22.56 -2.12 -15.43
CA PHE N 75 -21.59 -3.02 -14.84
C PHE N 75 -20.88 -3.80 -15.95
N ILE N 76 -21.26 -3.48 -17.18
CA ILE N 76 -20.60 -4.04 -18.32
C ILE N 76 -19.25 -3.32 -18.57
N LYS N 77 -18.18 -4.10 -18.75
CA LYS N 77 -16.91 -3.54 -19.23
C LYS N 77 -16.91 -3.52 -20.76
N PHE N 78 -16.84 -4.71 -21.39
CA PHE N 78 -17.05 -4.78 -22.86
C PHE N 78 -17.79 -6.01 -23.30
N ILE N 79 -18.25 -5.96 -24.54
CA ILE N 79 -18.92 -7.10 -25.16
C ILE N 79 -18.18 -7.57 -26.40
N LYS N 80 -17.95 -8.88 -26.48
CA LYS N 80 -17.48 -9.51 -27.72
C LYS N 80 -18.66 -9.95 -28.58
N LEU N 81 -18.64 -9.46 -29.81
CA LEU N 81 -19.70 -9.68 -30.78
C LEU N 81 -19.31 -10.83 -31.72
N GLN N 82 -20.27 -11.33 -32.49
CA GLN N 82 -19.98 -12.41 -33.44
C GLN N 82 -19.22 -11.88 -34.66
N ASP N 83 -18.44 -12.75 -35.30
CA ASP N 83 -17.67 -12.36 -36.47
C ASP N 83 -18.54 -11.83 -37.61
N ASN N 84 -19.70 -12.46 -37.83
CA ASN N 84 -20.60 -12.00 -38.87
C ASN N 84 -21.63 -10.96 -38.36
N ILE N 85 -21.18 -10.05 -37.49
CA ILE N 85 -22.07 -9.06 -36.88
C ILE N 85 -22.74 -8.08 -37.86
N ILE N 86 -22.04 -7.74 -38.94
CA ILE N 86 -22.57 -6.88 -39.99
C ILE N 86 -23.75 -7.53 -40.74
N ASP N 87 -23.67 -8.86 -40.90
CA ASP N 87 -24.66 -9.63 -41.65
C ASP N 87 -26.09 -9.53 -41.10
#